data_2KN8
#
_entry.id   2KN8
#
_entity_poly.entity_id   1
_entity_poly.type   'polypeptide(L)'
_entity_poly.pdbx_seq_one_letter_code
;DQNHIEQPFYLMGRDKALAVEQFISRFNSGYIKASQELVSYTIKLSHDPIEYLLEQIQNLHRVTLAEG
;
_entity_poly.pdbx_strand_id   A
#
# COMPACT_ATOMS: atom_id res chain seq x y z
N ASP A 1 21.37 -35.14 17.71
CA ASP A 1 21.35 -34.28 16.49
C ASP A 1 22.40 -33.18 16.58
N GLN A 2 22.45 -32.49 17.70
CA GLN A 2 23.46 -31.40 17.85
C GLN A 2 24.00 -31.38 19.29
N ASN A 3 25.17 -30.86 19.50
CA ASN A 3 25.75 -30.81 20.86
C ASN A 3 24.79 -30.07 21.81
N HIS A 4 23.86 -29.34 21.27
CA HIS A 4 22.90 -28.59 22.13
C HIS A 4 21.50 -29.19 21.99
N ILE A 5 20.63 -28.91 22.93
CA ILE A 5 19.24 -29.46 22.86
C ILE A 5 18.37 -28.55 22.00
N GLU A 6 18.97 -27.63 21.32
CA GLU A 6 18.19 -26.70 20.45
C GLU A 6 17.13 -25.98 21.27
N GLN A 7 16.48 -25.01 20.69
CA GLN A 7 15.42 -24.26 21.43
C GLN A 7 14.58 -23.42 20.46
N PRO A 8 13.73 -24.09 19.74
CA PRO A 8 12.86 -23.40 18.75
C PRO A 8 11.76 -22.61 19.46
N PHE A 9 11.54 -22.90 20.72
CA PHE A 9 10.48 -22.17 21.48
C PHE A 9 11.09 -20.98 22.23
N TYR A 10 12.36 -21.04 22.53
CA TYR A 10 13.01 -19.92 23.26
C TYR A 10 13.09 -18.68 22.36
N LEU A 11 13.11 -18.88 21.08
CA LEU A 11 13.18 -17.71 20.14
C LEU A 11 11.79 -17.09 19.98
N MET A 12 10.81 -17.88 19.66
CA MET A 12 9.44 -17.34 19.48
C MET A 12 9.12 -16.33 20.59
N GLY A 13 9.74 -16.47 21.73
CA GLY A 13 9.48 -15.53 22.85
C GLY A 13 10.21 -14.21 22.61
N ARG A 14 11.43 -14.29 22.13
CA ARG A 14 12.20 -13.04 21.87
C ARG A 14 12.25 -12.75 20.36
N ASP A 15 11.50 -13.49 19.58
CA ASP A 15 11.50 -13.25 18.11
C ASP A 15 10.39 -12.25 17.74
N LYS A 16 9.53 -11.93 18.67
CA LYS A 16 8.44 -10.97 18.37
C LYS A 16 8.98 -9.79 17.55
N ALA A 17 9.44 -8.76 18.21
CA ALA A 17 9.98 -7.59 17.47
C ALA A 17 10.86 -8.05 16.31
N LEU A 18 11.49 -9.18 16.45
CA LEU A 18 12.37 -9.68 15.35
C LEU A 18 11.50 -10.16 14.18
N ALA A 19 10.29 -10.59 14.45
CA ALA A 19 9.40 -11.06 13.36
C ALA A 19 8.85 -9.88 12.58
N VAL A 20 8.95 -8.69 13.13
CA VAL A 20 8.43 -7.50 12.42
C VAL A 20 9.46 -7.02 11.38
N GLU A 21 10.72 -7.14 11.69
CA GLU A 21 11.77 -6.71 10.73
C GLU A 21 11.84 -7.70 9.56
N GLN A 22 11.29 -8.86 9.74
CA GLN A 22 11.33 -9.87 8.63
C GLN A 22 10.22 -9.57 7.63
N PHE A 23 9.06 -9.22 8.11
CA PHE A 23 7.94 -8.91 7.18
C PHE A 23 8.22 -7.60 6.43
N ILE A 24 9.02 -6.74 7.00
CA ILE A 24 9.34 -5.45 6.32
C ILE A 24 10.56 -5.63 5.40
N SER A 25 11.55 -6.36 5.86
CA SER A 25 12.76 -6.56 5.02
C SER A 25 12.41 -7.40 3.79
N ARG A 26 11.42 -8.24 3.88
CA ARG A 26 11.02 -9.07 2.72
C ARG A 26 10.14 -8.26 1.76
N PHE A 27 9.45 -7.27 2.27
CA PHE A 27 8.58 -6.44 1.39
C PHE A 27 9.39 -5.29 0.78
N ASN A 28 10.55 -5.04 1.30
CA ASN A 28 11.39 -3.92 0.75
C ASN A 28 11.34 -3.94 -0.78
N SER A 29 12.24 -4.65 -1.40
CA SER A 29 12.25 -4.70 -2.89
C SER A 29 10.82 -4.90 -3.41
N GLY A 30 9.97 -5.48 -2.62
CA GLY A 30 8.57 -5.70 -3.08
C GLY A 30 7.86 -4.36 -3.22
N TYR A 31 8.23 -3.42 -2.41
CA TYR A 31 7.60 -2.07 -2.49
C TYR A 31 7.88 -1.46 -3.85
N ILE A 32 8.72 -2.06 -4.64
CA ILE A 32 9.04 -1.50 -5.98
C ILE A 32 8.07 -2.08 -7.02
N LYS A 33 7.62 -3.28 -6.81
CA LYS A 33 6.67 -3.90 -7.78
C LYS A 33 5.24 -3.49 -7.45
N ALA A 34 5.03 -2.93 -6.29
CA ALA A 34 3.66 -2.49 -5.92
C ALA A 34 3.50 -0.99 -6.12
N SER A 35 4.59 -0.27 -6.23
CA SER A 35 4.49 1.20 -6.44
C SER A 35 3.40 1.52 -7.45
N GLN A 36 3.36 0.81 -8.53
CA GLN A 36 2.30 1.07 -9.56
C GLN A 36 0.94 0.74 -8.97
N GLU A 37 0.83 -0.40 -8.35
CA GLU A 37 -0.47 -0.80 -7.74
C GLU A 37 -0.88 0.22 -6.67
N LEU A 38 0.08 0.92 -6.12
CA LEU A 38 -0.25 1.93 -5.07
C LEU A 38 -0.98 3.12 -5.70
N VAL A 39 -0.72 3.40 -6.95
CA VAL A 39 -1.40 4.54 -7.61
C VAL A 39 -2.83 4.17 -7.98
N SER A 40 -3.10 2.90 -8.16
CA SER A 40 -4.48 2.47 -8.51
C SER A 40 -5.35 2.43 -7.26
N TYR A 41 -4.75 2.28 -6.11
CA TYR A 41 -5.55 2.24 -4.85
C TYR A 41 -5.88 3.67 -4.39
N THR A 42 -5.10 4.63 -4.80
CA THR A 42 -5.37 6.04 -4.39
C THR A 42 -6.35 6.70 -5.36
N ILE A 43 -6.38 6.25 -6.58
CA ILE A 43 -7.31 6.84 -7.58
C ILE A 43 -8.75 6.83 -7.03
N LYS A 44 -9.06 5.88 -6.21
CA LYS A 44 -10.45 5.81 -5.63
C LYS A 44 -10.43 6.24 -4.17
N LEU A 45 -9.45 7.00 -3.79
CA LEU A 45 -9.36 7.46 -2.37
C LEU A 45 -8.52 8.73 -2.26
N SER A 46 -9.10 9.80 -1.82
CA SER A 46 -8.34 11.08 -1.70
C SER A 46 -7.76 11.49 -3.05
N HIS A 47 -8.49 11.28 -4.11
CA HIS A 47 -7.98 11.66 -5.46
C HIS A 47 -8.85 12.76 -6.05
N ASP A 48 -9.58 13.45 -5.23
CA ASP A 48 -10.46 14.55 -5.72
C ASP A 48 -10.16 15.84 -4.96
N PRO A 49 -8.89 16.15 -4.88
CA PRO A 49 -8.44 17.38 -4.18
C PRO A 49 -8.81 18.62 -4.99
N ILE A 50 -8.76 18.53 -6.29
CA ILE A 50 -9.09 19.70 -7.14
C ILE A 50 -10.58 20.02 -7.02
N GLU A 51 -11.41 19.02 -7.04
CA GLU A 51 -12.88 19.27 -6.92
C GLU A 51 -13.24 19.59 -5.46
N TYR A 52 -12.40 19.20 -4.54
CA TYR A 52 -12.70 19.48 -3.11
C TYR A 52 -12.10 20.83 -2.70
N LEU A 53 -11.08 21.27 -3.39
CA LEU A 53 -10.46 22.58 -3.03
C LEU A 53 -11.42 23.72 -3.35
N LEU A 54 -12.04 23.70 -4.49
CA LEU A 54 -13.01 24.77 -4.86
C LEU A 54 -14.27 24.65 -4.00
N GLU A 55 -14.60 23.47 -3.57
CA GLU A 55 -15.81 23.29 -2.73
C GLU A 55 -15.52 23.72 -1.30
N GLN A 56 -14.28 23.69 -0.90
CA GLN A 56 -13.93 24.10 0.49
C GLN A 56 -13.91 25.63 0.60
N ILE A 57 -13.66 26.30 -0.50
CA ILE A 57 -13.64 27.79 -0.47
C ILE A 57 -15.04 28.35 -0.74
N GLN A 58 -15.83 27.63 -1.49
CA GLN A 58 -17.20 28.11 -1.80
C GLN A 58 -18.13 27.82 -0.62
N ASN A 59 -17.80 26.84 0.18
CA ASN A 59 -18.66 26.51 1.34
C ASN A 59 -18.29 27.39 2.54
N LEU A 60 -17.05 27.76 2.66
CA LEU A 60 -16.63 28.62 3.80
C LEU A 60 -17.27 30.00 3.67
N HIS A 61 -17.53 30.44 2.48
CA HIS A 61 -18.16 31.78 2.30
C HIS A 61 -19.68 31.67 2.52
N ARG A 62 -20.24 30.53 2.29
CA ARG A 62 -21.71 30.36 2.49
C ARG A 62 -22.01 29.92 3.93
N VAL A 63 -21.06 29.28 4.56
CA VAL A 63 -21.29 28.82 5.97
C VAL A 63 -21.15 30.00 6.94
N THR A 64 -20.56 31.08 6.49
CA THR A 64 -20.40 32.27 7.38
C THR A 64 -21.73 33.01 7.54
N LEU A 65 -22.71 32.66 6.75
CA LEU A 65 -24.03 33.35 6.85
C LEU A 65 -24.92 32.62 7.86
N ALA A 66 -24.69 31.35 8.08
CA ALA A 66 -25.53 30.59 9.04
C ALA A 66 -27.00 30.95 8.86
N GLU A 67 -27.71 30.19 8.08
CA GLU A 67 -29.16 30.49 7.87
C GLU A 67 -29.98 29.20 7.88
N GLY A 68 -29.59 28.24 8.68
CA GLY A 68 -30.34 26.97 8.75
C GLY A 68 -31.20 26.93 10.02
N ASP A 1 35.81 -24.01 5.75
CA ASP A 1 35.07 -23.99 7.05
C ASP A 1 34.15 -25.21 7.14
N GLN A 2 34.11 -26.03 6.12
CA GLN A 2 33.23 -27.24 6.14
C GLN A 2 31.76 -26.80 6.06
N ASN A 3 30.88 -27.61 6.57
CA ASN A 3 29.43 -27.26 6.53
C ASN A 3 29.06 -26.38 7.72
N HIS A 4 30.04 -25.82 8.37
CA HIS A 4 29.75 -24.95 9.55
C HIS A 4 28.98 -25.73 10.62
N ILE A 5 29.55 -25.85 11.78
CA ILE A 5 28.84 -26.60 12.87
C ILE A 5 28.41 -25.65 13.99
N GLU A 6 28.50 -24.38 13.74
CA GLU A 6 28.09 -23.39 14.76
C GLU A 6 26.58 -23.17 14.72
N GLN A 7 26.06 -22.41 15.64
CA GLN A 7 24.59 -22.14 15.66
C GLN A 7 24.32 -20.68 16.01
N PRO A 8 24.61 -19.82 15.08
CA PRO A 8 24.40 -18.37 15.29
C PRO A 8 22.90 -18.03 15.25
N PHE A 9 22.11 -18.93 14.73
CA PHE A 9 20.64 -18.66 14.66
C PHE A 9 19.97 -19.09 15.96
N TYR A 10 20.54 -20.02 16.66
CA TYR A 10 19.93 -20.49 17.93
C TYR A 10 19.80 -19.31 18.91
N LEU A 11 20.85 -18.55 19.06
CA LEU A 11 20.80 -17.39 20.00
C LEU A 11 19.64 -16.46 19.62
N MET A 12 19.56 -16.09 18.38
CA MET A 12 18.46 -15.19 17.94
C MET A 12 17.10 -15.86 18.15
N GLY A 13 17.10 -17.13 18.44
CA GLY A 13 15.80 -17.85 18.67
C GLY A 13 14.88 -16.98 19.52
N ARG A 14 15.30 -16.61 20.69
CA ARG A 14 14.43 -15.77 21.57
C ARG A 14 14.11 -14.44 20.87
N ASP A 15 14.83 -14.12 19.83
CA ASP A 15 14.57 -12.85 19.10
C ASP A 15 13.96 -13.13 17.74
N LYS A 16 13.90 -14.37 17.35
CA LYS A 16 13.32 -14.73 16.02
C LYS A 16 12.07 -13.88 15.73
N ALA A 17 10.97 -14.19 16.36
CA ALA A 17 9.73 -13.41 16.12
C ALA A 17 10.04 -11.92 16.08
N LEU A 18 10.93 -11.46 16.93
CA LEU A 18 11.28 -10.02 16.92
C LEU A 18 12.15 -9.70 15.71
N ALA A 19 12.96 -10.62 15.30
CA ALA A 19 13.83 -10.38 14.12
C ALA A 19 13.02 -10.55 12.83
N VAL A 20 11.85 -11.13 12.93
CA VAL A 20 11.01 -11.31 11.73
C VAL A 20 10.21 -10.02 11.46
N GLU A 21 9.86 -9.31 12.50
CA GLU A 21 9.08 -8.06 12.30
C GLU A 21 10.00 -6.97 11.75
N GLN A 22 11.26 -7.00 12.09
CA GLN A 22 12.20 -5.97 11.57
C GLN A 22 12.55 -6.31 10.12
N PHE A 23 12.77 -7.56 9.84
CA PHE A 23 13.11 -7.96 8.45
C PHE A 23 11.93 -7.68 7.53
N ILE A 24 10.73 -7.73 8.06
CA ILE A 24 9.53 -7.47 7.21
C ILE A 24 9.55 -6.02 6.72
N SER A 25 10.08 -5.12 7.51
CA SER A 25 10.13 -3.69 7.08
C SER A 25 11.18 -3.51 5.98
N ARG A 26 12.14 -4.39 5.92
CA ARG A 26 13.19 -4.27 4.87
C ARG A 26 12.87 -5.19 3.69
N PHE A 27 12.19 -6.28 3.94
CA PHE A 27 11.84 -7.22 2.84
C PHE A 27 10.58 -6.73 2.11
N ASN A 28 9.93 -5.73 2.64
CA ASN A 28 8.69 -5.21 1.99
C ASN A 28 9.03 -4.56 0.64
N SER A 29 9.62 -5.31 -0.25
CA SER A 29 9.98 -4.74 -1.59
C SER A 29 9.05 -5.30 -2.66
N GLY A 30 8.52 -6.48 -2.45
CA GLY A 30 7.61 -7.07 -3.46
C GLY A 30 6.27 -6.35 -3.44
N TYR A 31 5.87 -5.90 -2.28
CA TYR A 31 4.60 -5.16 -2.17
C TYR A 31 4.70 -3.82 -2.89
N ILE A 32 5.87 -3.49 -3.40
CA ILE A 32 6.03 -2.19 -4.12
C ILE A 32 5.46 -2.30 -5.53
N LYS A 33 5.36 -3.49 -6.05
CA LYS A 33 4.81 -3.66 -7.42
C LYS A 33 3.32 -3.36 -7.43
N ALA A 34 2.62 -3.75 -6.40
CA ALA A 34 1.15 -3.49 -6.35
C ALA A 34 0.89 -2.04 -5.90
N SER A 35 1.70 -1.54 -5.02
CA SER A 35 1.50 -0.14 -4.54
C SER A 35 1.44 0.80 -5.73
N GLN A 36 2.06 0.43 -6.82
CA GLN A 36 2.03 1.32 -8.03
C GLN A 36 0.65 1.20 -8.71
N GLU A 37 0.13 0.01 -8.76
CA GLU A 37 -1.20 -0.19 -9.40
C GLU A 37 -2.26 0.56 -8.60
N LEU A 38 -2.09 0.69 -7.32
CA LEU A 38 -3.09 1.42 -6.50
C LEU A 38 -3.00 2.92 -6.78
N VAL A 39 -1.82 3.40 -7.07
CA VAL A 39 -1.66 4.86 -7.36
C VAL A 39 -2.38 5.19 -8.68
N SER A 40 -2.52 4.22 -9.54
CA SER A 40 -3.22 4.49 -10.83
C SER A 40 -4.69 4.81 -10.58
N TYR A 41 -5.24 4.27 -9.53
CA TYR A 41 -6.68 4.55 -9.23
C TYR A 41 -6.88 6.04 -8.96
N THR A 42 -5.89 6.69 -8.42
CA THR A 42 -6.02 8.15 -8.13
C THR A 42 -5.54 8.97 -9.33
N ILE A 43 -4.73 8.40 -10.17
CA ILE A 43 -4.25 9.15 -11.37
C ILE A 43 -5.41 9.85 -12.07
N LYS A 44 -6.60 9.34 -11.90
CA LYS A 44 -7.78 9.98 -12.55
C LYS A 44 -8.56 10.80 -11.53
N LEU A 45 -7.93 11.17 -10.46
CA LEU A 45 -8.62 11.98 -9.42
C LEU A 45 -9.11 13.30 -10.01
N SER A 46 -10.20 13.27 -10.73
CA SER A 46 -10.73 14.53 -11.33
C SER A 46 -12.17 14.32 -11.80
N HIS A 47 -13.08 15.14 -11.34
CA HIS A 47 -14.51 15.00 -11.75
C HIS A 47 -15.12 13.77 -11.08
N ASP A 48 -14.49 13.30 -10.05
CA ASP A 48 -15.01 12.11 -9.32
C ASP A 48 -15.60 11.08 -10.30
N PRO A 49 -14.71 10.56 -11.10
CA PRO A 49 -15.09 9.55 -12.12
C PRO A 49 -15.27 8.18 -11.48
N ILE A 50 -14.48 7.86 -10.49
CA ILE A 50 -14.60 6.53 -9.82
C ILE A 50 -15.97 6.38 -9.18
N GLU A 51 -16.43 7.40 -8.50
CA GLU A 51 -17.77 7.33 -7.85
C GLU A 51 -18.86 7.44 -8.91
N TYR A 52 -18.54 7.94 -10.07
CA TYR A 52 -19.57 8.08 -11.14
C TYR A 52 -19.61 6.81 -11.99
N LEU A 53 -18.53 6.08 -12.03
CA LEU A 53 -18.51 4.82 -12.83
C LEU A 53 -19.08 3.66 -12.01
N LEU A 54 -18.89 3.69 -10.72
CA LEU A 54 -19.42 2.59 -9.86
C LEU A 54 -20.94 2.75 -9.68
N GLU A 55 -21.43 3.95 -9.77
CA GLU A 55 -22.89 4.17 -9.60
C GLU A 55 -23.63 3.78 -10.89
N GLN A 56 -22.95 3.87 -12.01
CA GLN A 56 -23.61 3.51 -13.31
C GLN A 56 -23.63 1.99 -13.47
N ILE A 57 -22.77 1.29 -12.78
CA ILE A 57 -22.74 -0.20 -12.90
C ILE A 57 -23.68 -0.82 -11.86
N GLN A 58 -23.82 -0.20 -10.72
CA GLN A 58 -24.73 -0.74 -9.68
C GLN A 58 -26.19 -0.43 -10.02
N ASN A 59 -26.41 0.61 -10.76
CA ASN A 59 -27.81 0.97 -11.13
C ASN A 59 -28.26 0.16 -12.35
N LEU A 60 -27.33 -0.23 -13.18
CA LEU A 60 -27.70 -1.03 -14.39
C LEU A 60 -27.99 -2.48 -13.98
N HIS A 61 -27.40 -2.93 -12.91
CA HIS A 61 -27.65 -4.34 -12.46
C HIS A 61 -29.15 -4.55 -12.22
N ARG A 62 -29.84 -3.54 -11.84
CA ARG A 62 -31.31 -3.68 -11.58
C ARG A 62 -32.07 -3.68 -12.92
N VAL A 63 -31.51 -3.09 -13.93
CA VAL A 63 -32.20 -3.05 -15.26
C VAL A 63 -31.76 -4.24 -16.10
N THR A 64 -30.48 -4.39 -16.32
CA THR A 64 -29.98 -5.52 -17.13
C THR A 64 -30.42 -5.35 -18.58
N LEU A 65 -31.69 -5.25 -18.81
CA LEU A 65 -32.20 -5.08 -20.20
C LEU A 65 -32.30 -3.60 -20.55
N ALA A 66 -32.48 -2.75 -19.56
CA ALA A 66 -32.59 -1.30 -19.84
C ALA A 66 -33.87 -1.00 -20.62
N GLU A 67 -34.98 -0.89 -19.93
CA GLU A 67 -36.27 -0.62 -20.63
C GLU A 67 -36.37 -1.46 -21.90
N GLY A 68 -35.85 -2.66 -21.87
CA GLY A 68 -35.93 -3.53 -23.08
C GLY A 68 -37.39 -3.84 -23.40
N ASP A 1 29.28 -32.71 34.45
CA ASP A 1 28.02 -32.94 35.22
C ASP A 1 26.81 -32.45 34.43
N GLN A 2 25.63 -32.57 34.98
CA GLN A 2 24.41 -32.11 34.24
C GLN A 2 24.15 -33.00 33.03
N ASN A 3 23.05 -32.82 32.37
CA ASN A 3 22.74 -33.67 31.17
C ASN A 3 23.16 -32.94 29.89
N HIS A 4 23.75 -31.79 30.02
CA HIS A 4 24.17 -31.03 28.81
C HIS A 4 23.07 -31.07 27.75
N ILE A 5 21.96 -30.44 28.01
CA ILE A 5 20.85 -30.44 27.01
C ILE A 5 21.03 -29.30 26.02
N GLU A 6 22.15 -28.66 26.05
CA GLU A 6 22.42 -27.54 25.11
C GLU A 6 21.33 -26.48 25.25
N GLN A 7 21.51 -25.35 24.62
CA GLN A 7 20.48 -24.27 24.71
C GLN A 7 20.62 -23.31 23.51
N PRO A 8 20.35 -23.85 22.35
CA PRO A 8 20.44 -23.04 21.10
C PRO A 8 19.28 -22.06 21.02
N PHE A 9 18.09 -22.50 21.31
CA PHE A 9 16.91 -21.59 21.24
C PHE A 9 16.97 -20.56 22.37
N TYR A 10 17.41 -20.97 23.52
CA TYR A 10 17.49 -20.02 24.67
C TYR A 10 18.34 -18.81 24.29
N LEU A 11 19.36 -19.02 23.49
CA LEU A 11 20.23 -17.89 23.07
C LEU A 11 19.40 -16.81 22.39
N MET A 12 18.60 -17.19 21.43
CA MET A 12 17.75 -16.19 20.72
C MET A 12 17.14 -15.21 21.72
N GLY A 13 16.23 -15.67 22.53
CA GLY A 13 15.59 -14.77 23.53
C GLY A 13 15.09 -13.50 22.83
N ARG A 14 15.91 -12.49 22.75
CA ARG A 14 15.49 -11.23 22.09
C ARG A 14 15.23 -11.48 20.59
N ASP A 15 15.60 -12.63 20.11
CA ASP A 15 15.38 -12.93 18.66
C ASP A 15 13.99 -12.46 18.23
N LYS A 16 13.06 -12.38 19.15
CA LYS A 16 11.69 -11.92 18.78
C LYS A 16 11.77 -10.64 17.94
N ALA A 17 12.61 -9.72 18.33
CA ALA A 17 12.73 -8.46 17.55
C ALA A 17 13.46 -8.73 16.23
N LEU A 18 14.23 -9.77 16.17
CA LEU A 18 14.96 -10.09 14.91
C LEU A 18 14.01 -10.82 13.95
N ALA A 19 13.05 -11.53 14.47
CA ALA A 19 12.10 -12.26 13.58
C ALA A 19 11.09 -11.28 12.99
N VAL A 20 10.82 -10.20 13.67
CA VAL A 20 9.84 -9.21 13.14
C VAL A 20 10.49 -8.38 12.02
N GLU A 21 11.78 -8.26 12.04
CA GLU A 21 12.48 -7.46 10.98
C GLU A 21 12.55 -8.28 9.69
N GLN A 22 12.47 -9.58 9.80
CA GLN A 22 12.53 -10.44 8.57
C GLN A 22 11.17 -10.44 7.88
N PHE A 23 10.12 -10.52 8.65
CA PHE A 23 8.75 -10.51 8.05
C PHE A 23 8.45 -9.13 7.45
N ILE A 24 9.08 -8.10 7.95
CA ILE A 24 8.83 -6.74 7.40
C ILE A 24 9.67 -6.50 6.16
N SER A 25 10.82 -7.11 6.09
CA SER A 25 11.71 -6.92 4.90
C SER A 25 11.03 -7.48 3.64
N ARG A 26 10.14 -8.42 3.81
CA ARG A 26 9.43 -9.01 2.64
C ARG A 26 8.07 -8.33 2.44
N PHE A 27 7.51 -7.82 3.49
CA PHE A 27 6.18 -7.14 3.36
C PHE A 27 6.37 -5.65 3.09
N ASN A 28 7.49 -5.10 3.48
CA ASN A 28 7.74 -3.65 3.25
C ASN A 28 8.19 -3.42 1.80
N SER A 29 9.45 -3.61 1.53
CA SER A 29 9.96 -3.41 0.14
C SER A 29 8.96 -3.99 -0.87
N GLY A 30 8.27 -5.03 -0.51
CA GLY A 30 7.30 -5.64 -1.46
C GLY A 30 6.22 -4.62 -1.80
N TYR A 31 5.88 -3.78 -0.87
CA TYR A 31 4.86 -2.74 -1.13
C TYR A 31 5.43 -1.67 -2.06
N ILE A 32 6.66 -1.81 -2.48
CA ILE A 32 7.28 -0.80 -3.38
C ILE A 32 7.04 -1.20 -4.84
N LYS A 33 6.76 -2.44 -5.10
CA LYS A 33 6.52 -2.88 -6.51
C LYS A 33 5.06 -2.65 -6.89
N ALA A 34 4.18 -2.58 -5.92
CA ALA A 34 2.74 -2.36 -6.23
C ALA A 34 2.35 -0.92 -5.92
N SER A 35 3.04 -0.29 -5.00
CA SER A 35 2.71 1.12 -4.66
C SER A 35 2.54 1.95 -5.93
N GLN A 36 3.18 1.56 -6.99
CA GLN A 36 3.04 2.32 -8.27
C GLN A 36 1.72 1.92 -8.95
N GLU A 37 1.38 0.68 -8.90
CA GLU A 37 0.11 0.22 -9.53
C GLU A 37 -1.09 0.75 -8.73
N LEU A 38 -0.89 1.03 -7.47
CA LEU A 38 -2.02 1.55 -6.64
C LEU A 38 -2.28 3.03 -6.98
N VAL A 39 -1.26 3.74 -7.39
CA VAL A 39 -1.44 5.18 -7.72
C VAL A 39 -2.09 5.31 -9.11
N SER A 40 -1.90 4.34 -9.96
CA SER A 40 -2.50 4.40 -11.31
C SER A 40 -3.97 3.99 -11.26
N TYR A 41 -4.34 3.19 -10.30
CA TYR A 41 -5.76 2.76 -10.19
C TYR A 41 -6.59 3.83 -9.47
N THR A 42 -5.95 4.67 -8.69
CA THR A 42 -6.70 5.73 -7.96
C THR A 42 -6.56 7.07 -8.69
N ILE A 43 -5.82 7.11 -9.76
CA ILE A 43 -5.65 8.40 -10.50
C ILE A 43 -6.84 8.63 -11.43
N LYS A 44 -7.26 7.60 -12.12
CA LYS A 44 -8.42 7.75 -13.05
C LYS A 44 -9.66 7.09 -12.45
N LEU A 45 -9.68 6.95 -11.16
CA LEU A 45 -10.85 6.31 -10.50
C LEU A 45 -10.90 6.70 -9.02
N SER A 46 -11.81 7.56 -8.65
CA SER A 46 -11.91 7.98 -7.22
C SER A 46 -13.10 8.93 -7.02
N HIS A 47 -13.96 8.62 -6.10
CA HIS A 47 -15.15 9.49 -5.86
C HIS A 47 -15.95 9.65 -7.15
N ASP A 48 -15.76 8.74 -8.06
CA ASP A 48 -16.50 8.82 -9.36
C ASP A 48 -17.30 7.53 -9.60
N PRO A 49 -18.00 7.12 -8.58
CA PRO A 49 -18.82 5.88 -8.66
C PRO A 49 -20.05 6.13 -9.54
N ILE A 50 -20.59 7.31 -9.50
CA ILE A 50 -21.80 7.62 -10.33
C ILE A 50 -21.40 7.74 -11.80
N GLU A 51 -20.15 8.01 -12.07
CA GLU A 51 -19.70 8.14 -13.49
C GLU A 51 -19.41 6.74 -14.06
N TYR A 52 -19.09 5.80 -13.22
CA TYR A 52 -18.80 4.43 -13.71
C TYR A 52 -20.10 3.65 -13.94
N LEU A 53 -21.14 4.01 -13.23
CA LEU A 53 -22.44 3.29 -13.42
C LEU A 53 -23.15 3.81 -14.66
N LEU A 54 -23.02 5.08 -14.94
CA LEU A 54 -23.70 5.65 -16.14
C LEU A 54 -22.96 5.21 -17.41
N GLU A 55 -21.68 4.95 -17.30
CA GLU A 55 -20.90 4.52 -18.49
C GLU A 55 -21.23 3.05 -18.83
N GLN A 56 -21.62 2.29 -17.84
CA GLN A 56 -21.96 0.86 -18.11
C GLN A 56 -23.32 0.77 -18.83
N ILE A 57 -24.15 1.76 -18.67
CA ILE A 57 -25.48 1.73 -19.35
C ILE A 57 -25.37 2.35 -20.74
N GLN A 58 -24.49 3.30 -20.90
CA GLN A 58 -24.33 3.94 -22.24
C GLN A 58 -23.50 3.05 -23.16
N ASN A 59 -22.66 2.23 -22.59
CA ASN A 59 -21.81 1.32 -23.43
C ASN A 59 -22.59 0.06 -23.78
N LEU A 60 -23.50 -0.35 -22.95
CA LEU A 60 -24.30 -1.57 -23.24
C LEU A 60 -25.30 -1.29 -24.36
N HIS A 61 -25.71 -0.07 -24.52
CA HIS A 61 -26.68 0.27 -25.60
C HIS A 61 -26.01 0.14 -26.97
N ARG A 62 -24.73 0.35 -27.03
CA ARG A 62 -24.01 0.25 -28.33
C ARG A 62 -23.69 -1.21 -28.64
N VAL A 63 -23.59 -2.04 -27.64
CA VAL A 63 -23.26 -3.48 -27.88
C VAL A 63 -24.38 -4.13 -28.70
N THR A 64 -25.55 -3.56 -28.70
CA THR A 64 -26.67 -4.14 -29.49
C THR A 64 -26.40 -3.99 -30.99
N LEU A 65 -25.68 -2.97 -31.38
CA LEU A 65 -25.39 -2.77 -32.82
C LEU A 65 -24.08 -3.48 -33.20
N ALA A 66 -23.21 -3.68 -32.24
CA ALA A 66 -21.92 -4.37 -32.54
C ALA A 66 -21.46 -5.20 -31.34
N GLU A 67 -21.95 -6.40 -31.20
CA GLU A 67 -21.55 -7.25 -30.06
C GLU A 67 -20.32 -8.07 -30.42
N GLY A 68 -19.48 -7.55 -31.27
CA GLY A 68 -18.25 -8.32 -31.66
C GLY A 68 -17.49 -8.72 -30.41
N ASP A 1 33.00 -27.49 24.01
CA ASP A 1 31.70 -27.89 23.39
C ASP A 1 31.06 -26.69 22.70
N GLN A 2 29.85 -26.85 22.21
CA GLN A 2 29.18 -25.71 21.53
C GLN A 2 27.66 -25.78 21.76
N ASN A 3 26.93 -24.82 21.26
CA ASN A 3 25.45 -24.84 21.45
C ASN A 3 24.77 -25.50 20.25
N HIS A 4 25.54 -26.01 19.33
CA HIS A 4 24.93 -26.67 18.14
C HIS A 4 24.13 -25.65 17.31
N ILE A 5 24.29 -25.65 16.02
CA ILE A 5 23.55 -24.69 15.17
C ILE A 5 22.15 -25.23 14.85
N GLU A 6 21.77 -26.29 15.51
CA GLU A 6 20.43 -26.88 15.26
C GLU A 6 19.34 -25.96 15.79
N GLN A 7 18.11 -26.32 15.59
CA GLN A 7 16.98 -25.47 16.08
C GLN A 7 17.00 -24.11 15.36
N PRO A 8 16.23 -24.03 14.31
CA PRO A 8 16.14 -22.77 13.52
C PRO A 8 15.37 -21.70 14.30
N PHE A 9 14.59 -22.11 15.26
CA PHE A 9 13.82 -21.11 16.06
C PHE A 9 14.64 -20.64 17.26
N TYR A 10 15.65 -21.39 17.62
CA TYR A 10 16.49 -20.99 18.79
C TYR A 10 17.33 -19.76 18.45
N LEU A 11 17.53 -19.51 17.18
CA LEU A 11 18.34 -18.32 16.78
C LEU A 11 17.50 -17.05 16.90
N MET A 12 16.34 -17.04 16.31
CA MET A 12 15.47 -15.83 16.38
C MET A 12 15.30 -15.38 17.83
N GLY A 13 15.46 -16.29 18.76
CA GLY A 13 15.30 -15.91 20.19
C GLY A 13 13.98 -15.15 20.38
N ARG A 14 13.99 -14.10 21.15
CA ARG A 14 12.73 -13.32 21.36
C ARG A 14 12.69 -12.11 20.43
N ASP A 15 13.28 -12.22 19.27
CA ASP A 15 13.27 -11.07 18.32
C ASP A 15 11.85 -10.52 18.14
N LYS A 16 10.91 -11.39 17.88
CA LYS A 16 9.50 -10.94 17.71
C LYS A 16 9.46 -9.64 16.88
N ALA A 17 9.36 -8.51 17.53
CA ALA A 17 9.33 -7.23 16.77
C ALA A 17 10.49 -7.20 15.77
N LEU A 18 11.56 -7.85 16.08
CA LEU A 18 12.72 -7.86 15.15
C LEU A 18 12.49 -8.93 14.07
N ALA A 19 11.73 -9.94 14.38
CA ALA A 19 11.45 -11.01 13.37
C ALA A 19 10.38 -10.53 12.40
N VAL A 20 9.53 -9.64 12.82
CA VAL A 20 8.48 -9.13 11.90
C VAL A 20 9.06 -8.11 10.93
N GLU A 21 10.14 -7.48 11.30
CA GLU A 21 10.78 -6.48 10.39
C GLU A 21 11.61 -7.20 9.32
N GLN A 22 11.93 -8.44 9.56
CA GLN A 22 12.74 -9.19 8.56
C GLN A 22 11.81 -9.77 7.48
N PHE A 23 10.68 -10.26 7.89
CA PHE A 23 9.72 -10.84 6.90
C PHE A 23 9.03 -9.72 6.14
N ILE A 24 9.00 -8.53 6.68
CA ILE A 24 8.34 -7.40 5.98
C ILE A 24 9.37 -6.63 5.15
N SER A 25 10.59 -6.56 5.61
CA SER A 25 11.64 -5.83 4.84
C SER A 25 11.87 -6.50 3.49
N ARG A 26 11.58 -7.77 3.38
CA ARG A 26 11.78 -8.48 2.10
C ARG A 26 10.47 -8.52 1.30
N PHE A 27 9.36 -8.50 1.97
CA PHE A 27 8.05 -8.53 1.24
C PHE A 27 7.55 -7.11 1.01
N ASN A 28 7.89 -6.19 1.86
CA ASN A 28 7.44 -4.78 1.68
C ASN A 28 8.24 -4.09 0.59
N SER A 29 9.45 -3.68 0.91
CA SER A 29 10.30 -3.00 -0.11
C SER A 29 10.18 -3.72 -1.47
N GLY A 30 10.02 -5.01 -1.45
CA GLY A 30 9.90 -5.75 -2.75
C GLY A 30 8.53 -5.46 -3.35
N TYR A 31 7.53 -5.34 -2.54
CA TYR A 31 6.17 -5.04 -3.07
C TYR A 31 6.09 -3.58 -3.50
N ILE A 32 7.19 -2.87 -3.42
CA ILE A 32 7.17 -1.42 -3.83
C ILE A 32 7.04 -1.31 -5.35
N LYS A 33 7.53 -2.28 -6.07
CA LYS A 33 7.43 -2.23 -7.56
C LYS A 33 5.96 -2.33 -7.98
N ALA A 34 5.12 -2.86 -7.13
CA ALA A 34 3.67 -2.98 -7.48
C ALA A 34 2.82 -2.19 -6.48
N SER A 35 3.27 -2.07 -5.26
CA SER A 35 2.50 -1.32 -4.24
C SER A 35 2.30 0.13 -4.71
N GLN A 36 3.32 0.72 -5.26
CA GLN A 36 3.20 2.12 -5.75
C GLN A 36 2.19 2.17 -6.90
N GLU A 37 2.35 1.29 -7.84
CA GLU A 37 1.41 1.26 -9.00
C GLU A 37 -0.02 1.07 -8.51
N LEU A 38 -0.20 0.38 -7.42
CA LEU A 38 -1.57 0.16 -6.89
C LEU A 38 -2.12 1.47 -6.32
N VAL A 39 -1.26 2.33 -5.85
CA VAL A 39 -1.72 3.63 -5.29
C VAL A 39 -2.24 4.53 -6.42
N SER A 40 -1.83 4.28 -7.63
CA SER A 40 -2.29 5.12 -8.76
C SER A 40 -3.75 4.79 -9.10
N TYR A 41 -4.17 3.59 -8.79
CA TYR A 41 -5.58 3.20 -9.08
C TYR A 41 -6.51 3.80 -8.02
N THR A 42 -5.99 4.08 -6.86
CA THR A 42 -6.83 4.67 -5.78
C THR A 42 -6.70 6.19 -5.78
N ILE A 43 -5.51 6.68 -5.95
CA ILE A 43 -5.31 8.16 -5.96
C ILE A 43 -6.40 8.83 -6.78
N LYS A 44 -6.70 8.29 -7.92
CA LYS A 44 -7.76 8.89 -8.79
C LYS A 44 -9.12 8.30 -8.45
N LEU A 45 -9.25 7.76 -7.27
CA LEU A 45 -10.54 7.15 -6.85
C LEU A 45 -10.48 6.73 -5.38
N SER A 46 -10.29 7.67 -4.50
CA SER A 46 -10.22 7.32 -3.05
C SER A 46 -9.80 8.54 -2.23
N HIS A 47 -10.50 8.84 -1.18
CA HIS A 47 -10.14 10.02 -0.34
C HIS A 47 -10.33 11.30 -1.15
N ASP A 48 -11.11 11.23 -2.18
CA ASP A 48 -11.35 12.44 -3.03
C ASP A 48 -12.85 12.75 -3.09
N PRO A 49 -13.46 12.75 -1.95
CA PRO A 49 -14.92 13.04 -1.86
C PRO A 49 -15.18 14.52 -2.13
N ILE A 50 -14.30 15.37 -1.69
CA ILE A 50 -14.50 16.84 -1.92
C ILE A 50 -14.54 17.14 -3.42
N GLU A 51 -13.77 16.44 -4.20
CA GLU A 51 -13.77 16.67 -5.67
C GLU A 51 -14.97 15.98 -6.31
N TYR A 52 -15.52 14.99 -5.63
CA TYR A 52 -16.69 14.27 -6.20
C TYR A 52 -18.00 14.93 -5.74
N LEU A 53 -17.98 15.61 -4.63
CA LEU A 53 -19.21 16.28 -4.13
C LEU A 53 -19.54 17.48 -5.01
N LEU A 54 -18.54 18.16 -5.50
CA LEU A 54 -18.80 19.35 -6.36
C LEU A 54 -19.32 18.90 -7.73
N GLU A 55 -18.94 17.74 -8.17
CA GLU A 55 -19.43 17.25 -9.49
C GLU A 55 -20.91 16.85 -9.38
N GLN A 56 -21.31 16.39 -8.24
CA GLN A 56 -22.74 15.98 -8.07
C GLN A 56 -23.64 17.22 -8.11
N ILE A 57 -23.13 18.35 -7.73
CA ILE A 57 -23.95 19.59 -7.76
C ILE A 57 -23.90 20.21 -9.16
N GLN A 58 -22.85 19.96 -9.89
CA GLN A 58 -22.75 20.52 -11.27
C GLN A 58 -23.60 19.70 -12.24
N ASN A 59 -23.82 18.45 -11.92
CA ASN A 59 -24.65 17.60 -12.83
C ASN A 59 -26.13 17.75 -12.47
N LEU A 60 -26.44 17.93 -11.22
CA LEU A 60 -27.86 18.09 -10.81
C LEU A 60 -28.37 19.48 -11.19
N HIS A 61 -27.49 20.43 -11.29
CA HIS A 61 -27.91 21.81 -11.66
C HIS A 61 -28.86 21.77 -12.86
N ARG A 62 -28.65 20.85 -13.75
CA ARG A 62 -29.54 20.74 -14.95
C ARG A 62 -30.94 20.30 -14.54
N VAL A 63 -31.04 19.57 -13.45
CA VAL A 63 -32.38 19.11 -12.99
C VAL A 63 -33.22 20.28 -12.49
N THR A 64 -32.64 21.45 -12.44
CA THR A 64 -33.40 22.64 -11.97
C THR A 64 -34.56 22.94 -12.92
N LEU A 65 -34.49 22.44 -14.13
CA LEU A 65 -35.60 22.71 -15.10
C LEU A 65 -36.63 21.59 -15.04
N ALA A 66 -36.20 20.38 -14.82
CA ALA A 66 -37.16 19.24 -14.75
C ALA A 66 -36.42 17.91 -14.72
N GLU A 67 -36.41 17.25 -13.59
CA GLU A 67 -35.70 15.94 -13.50
C GLU A 67 -35.66 15.46 -12.05
N GLY A 68 -36.81 15.25 -11.45
CA GLY A 68 -36.84 14.78 -10.04
C GLY A 68 -38.11 13.95 -9.80
N ASP A 1 20.58 -38.23 29.49
CA ASP A 1 21.93 -37.72 29.87
C ASP A 1 22.10 -36.27 29.40
N GLN A 2 21.36 -35.87 28.40
CA GLN A 2 21.50 -34.46 27.90
C GLN A 2 22.87 -34.26 27.25
N ASN A 3 23.91 -34.46 28.00
CA ASN A 3 25.28 -34.27 27.43
C ASN A 3 25.53 -32.79 27.10
N HIS A 4 24.62 -31.93 27.49
CA HIS A 4 24.81 -30.48 27.21
C HIS A 4 24.06 -29.64 28.25
N ILE A 5 24.76 -28.77 28.92
CA ILE A 5 24.10 -27.92 29.96
C ILE A 5 24.03 -26.47 29.49
N GLU A 6 24.35 -26.24 28.25
CA GLU A 6 24.32 -24.85 27.72
C GLU A 6 22.96 -24.56 27.08
N GLN A 7 22.68 -23.33 26.80
CA GLN A 7 21.37 -22.96 26.19
C GLN A 7 21.58 -21.99 25.03
N PRO A 8 22.13 -22.50 23.96
CA PRO A 8 22.39 -21.66 22.76
C PRO A 8 21.07 -21.33 22.04
N PHE A 9 20.00 -21.94 22.45
CA PHE A 9 18.69 -21.66 21.79
C PHE A 9 17.91 -20.61 22.60
N TYR A 10 18.20 -20.49 23.87
CA TYR A 10 17.47 -19.49 24.70
C TYR A 10 17.78 -18.07 24.20
N LEU A 11 18.91 -17.88 23.58
CA LEU A 11 19.25 -16.52 23.07
C LEU A 11 18.34 -16.13 21.92
N MET A 12 18.22 -16.99 20.93
CA MET A 12 17.34 -16.68 19.77
C MET A 12 15.88 -16.92 20.15
N GLY A 13 15.62 -17.54 21.26
CA GLY A 13 14.23 -17.80 21.68
C GLY A 13 13.53 -16.48 22.04
N ARG A 14 14.26 -15.58 22.66
CA ARG A 14 13.65 -14.27 23.03
C ARG A 14 13.68 -13.31 21.84
N ASP A 15 14.59 -13.52 20.93
CA ASP A 15 14.67 -12.61 19.74
C ASP A 15 13.80 -13.15 18.60
N LYS A 16 13.31 -14.36 18.74
CA LYS A 16 12.45 -14.93 17.67
C LYS A 16 11.44 -13.91 17.18
N ALA A 17 10.50 -13.56 17.99
CA ALA A 17 9.48 -12.55 17.58
C ALA A 17 10.16 -11.30 17.02
N LEU A 18 11.26 -10.91 17.60
CA LEU A 18 11.98 -9.72 17.10
C LEU A 18 12.48 -9.96 15.67
N ALA A 19 12.71 -11.21 15.33
CA ALA A 19 13.20 -11.52 13.95
C ALA A 19 12.11 -11.19 12.92
N VAL A 20 10.87 -11.22 13.32
CA VAL A 20 9.78 -10.91 12.37
C VAL A 20 9.85 -9.44 11.95
N GLU A 21 10.37 -8.60 12.80
CA GLU A 21 10.47 -7.15 12.45
C GLU A 21 11.59 -6.93 11.43
N GLN A 22 12.55 -7.81 11.41
CA GLN A 22 13.66 -7.66 10.42
C GLN A 22 13.17 -8.07 9.04
N PHE A 23 12.46 -9.17 8.97
CA PHE A 23 11.93 -9.63 7.65
C PHE A 23 10.98 -8.59 7.06
N ILE A 24 10.37 -7.80 7.92
CA ILE A 24 9.43 -6.76 7.41
C ILE A 24 10.20 -5.68 6.64
N SER A 25 11.40 -5.39 7.05
CA SER A 25 12.20 -4.35 6.34
C SER A 25 12.77 -4.92 5.04
N ARG A 26 12.94 -6.22 4.97
CA ARG A 26 13.49 -6.82 3.72
C ARG A 26 12.35 -7.17 2.77
N PHE A 27 11.17 -7.40 3.29
CA PHE A 27 10.02 -7.74 2.40
C PHE A 27 9.51 -6.48 1.70
N ASN A 28 9.83 -5.33 2.21
CA ASN A 28 9.35 -4.06 1.58
C ASN A 28 9.46 -4.16 0.06
N SER A 29 10.57 -4.62 -0.44
CA SER A 29 10.74 -4.74 -1.91
C SER A 29 9.50 -5.38 -2.54
N GLY A 30 8.86 -6.28 -1.83
CA GLY A 30 7.64 -6.93 -2.38
C GLY A 30 6.48 -5.96 -2.37
N TYR A 31 6.42 -5.12 -1.39
CA TYR A 31 5.33 -4.12 -1.31
C TYR A 31 5.54 -3.04 -2.38
N ILE A 32 6.58 -3.16 -3.16
CA ILE A 32 6.84 -2.15 -4.22
C ILE A 32 5.85 -2.34 -5.38
N LYS A 33 5.32 -3.53 -5.52
CA LYS A 33 4.34 -3.77 -6.62
C LYS A 33 3.06 -2.97 -6.38
N ALA A 34 2.73 -2.73 -5.14
CA ALA A 34 1.50 -1.96 -4.83
C ALA A 34 1.62 -0.54 -5.39
N SER A 35 2.80 -0.01 -5.46
CA SER A 35 2.98 1.37 -6.00
C SER A 35 2.20 1.51 -7.31
N GLN A 36 1.98 0.44 -8.01
CA GLN A 36 1.21 0.50 -9.28
C GLN A 36 -0.28 0.64 -8.97
N GLU A 37 -0.74 -0.06 -7.99
CA GLU A 37 -2.18 0.01 -7.62
C GLU A 37 -2.51 1.41 -7.11
N LEU A 38 -1.53 2.10 -6.58
CA LEU A 38 -1.79 3.48 -6.05
C LEU A 38 -1.96 4.45 -7.22
N VAL A 39 -1.27 4.24 -8.30
CA VAL A 39 -1.39 5.15 -9.47
C VAL A 39 -2.76 4.98 -10.13
N SER A 40 -3.37 3.83 -9.97
CA SER A 40 -4.70 3.61 -10.58
C SER A 40 -5.77 4.40 -9.81
N TYR A 41 -5.54 4.67 -8.57
CA TYR A 41 -6.53 5.44 -7.77
C TYR A 41 -6.56 6.90 -8.22
N THR A 42 -5.47 7.38 -8.77
CA THR A 42 -5.42 8.79 -9.23
C THR A 42 -6.01 8.91 -10.64
N ILE A 43 -6.06 7.83 -11.37
CA ILE A 43 -6.62 7.88 -12.74
C ILE A 43 -8.04 8.47 -12.71
N LYS A 44 -8.73 8.33 -11.61
CA LYS A 44 -10.10 8.89 -11.51
C LYS A 44 -10.10 10.19 -10.71
N LEU A 45 -8.97 10.82 -10.63
CA LEU A 45 -8.88 12.10 -9.86
C LEU A 45 -7.54 12.78 -10.13
N SER A 46 -7.38 13.35 -11.30
CA SER A 46 -6.10 14.03 -11.63
C SER A 46 -6.07 14.41 -13.12
N HIS A 47 -5.70 15.62 -13.42
CA HIS A 47 -5.66 16.05 -14.85
C HIS A 47 -7.06 16.06 -15.43
N ASP A 48 -8.05 16.13 -14.60
CA ASP A 48 -9.46 16.15 -15.09
C ASP A 48 -10.17 17.43 -14.66
N PRO A 49 -9.51 18.53 -14.84
CA PRO A 49 -10.07 19.85 -14.47
C PRO A 49 -11.18 20.24 -15.45
N ILE A 50 -11.02 19.88 -16.69
CA ILE A 50 -12.06 20.23 -17.71
C ILE A 50 -13.34 19.44 -17.44
N GLU A 51 -13.23 18.29 -16.83
CA GLU A 51 -14.43 17.46 -16.54
C GLU A 51 -15.15 18.00 -15.29
N TYR A 52 -14.42 18.63 -14.41
CA TYR A 52 -15.05 19.17 -13.17
C TYR A 52 -15.51 20.61 -13.42
N LEU A 53 -14.83 21.32 -14.28
CA LEU A 53 -15.24 22.73 -14.56
C LEU A 53 -16.51 22.75 -15.42
N LEU A 54 -16.68 21.76 -16.24
CA LEU A 54 -17.90 21.71 -17.10
C LEU A 54 -19.13 21.33 -16.27
N GLU A 55 -18.91 20.59 -15.21
CA GLU A 55 -20.06 20.18 -14.35
C GLU A 55 -20.53 21.36 -13.52
N GLN A 56 -19.64 22.23 -13.14
CA GLN A 56 -20.03 23.41 -12.33
C GLN A 56 -20.83 24.40 -13.18
N ILE A 57 -20.63 24.38 -14.47
CA ILE A 57 -21.38 25.31 -15.36
C ILE A 57 -22.73 24.68 -15.75
N GLN A 58 -22.77 23.39 -15.88
CA GLN A 58 -24.06 22.72 -16.25
C GLN A 58 -25.00 22.72 -15.05
N ASN A 59 -24.47 22.75 -13.86
CA ASN A 59 -25.34 22.77 -12.65
C ASN A 59 -25.99 24.14 -12.49
N LEU A 60 -25.30 25.18 -12.87
CA LEU A 60 -25.88 26.55 -12.74
C LEU A 60 -26.75 26.87 -13.96
N HIS A 61 -26.35 26.41 -15.11
CA HIS A 61 -27.16 26.68 -16.33
C HIS A 61 -28.52 25.98 -16.23
N ARG A 62 -28.58 24.91 -15.51
CA ARG A 62 -29.88 24.17 -15.36
C ARG A 62 -30.87 25.02 -14.56
N VAL A 63 -30.38 25.86 -13.69
CA VAL A 63 -31.30 26.70 -12.88
C VAL A 63 -32.07 27.68 -13.78
N THR A 64 -31.50 28.02 -14.90
CA THR A 64 -32.20 28.96 -15.83
C THR A 64 -33.21 28.20 -16.69
N LEU A 65 -32.99 26.93 -16.90
CA LEU A 65 -33.93 26.13 -17.72
C LEU A 65 -35.02 25.51 -16.84
N ALA A 66 -34.73 25.32 -15.58
CA ALA A 66 -35.75 24.72 -14.68
C ALA A 66 -36.08 23.29 -15.11
N GLU A 67 -35.16 22.38 -14.95
CA GLU A 67 -35.43 20.98 -15.37
C GLU A 67 -36.06 20.95 -16.76
N GLY A 68 -35.28 21.17 -17.78
CA GLY A 68 -35.84 21.16 -19.16
C GLY A 68 -34.93 20.33 -20.07
N ASP A 1 22.46 -8.98 38.24
CA ASP A 1 23.41 -9.70 39.13
C ASP A 1 24.85 -9.29 38.80
N GLN A 2 25.16 -9.12 37.54
CA GLN A 2 26.54 -8.73 37.15
C GLN A 2 26.51 -7.51 36.22
N ASN A 3 27.61 -6.84 36.07
CA ASN A 3 27.63 -5.64 35.18
C ASN A 3 28.37 -5.97 33.88
N HIS A 4 28.64 -7.22 33.65
CA HIS A 4 29.35 -7.60 32.39
C HIS A 4 28.62 -7.04 31.17
N ILE A 5 29.32 -6.34 30.32
CA ILE A 5 28.67 -5.76 29.11
C ILE A 5 29.12 -6.49 27.86
N GLU A 6 29.80 -7.58 28.03
CA GLU A 6 30.28 -8.36 26.87
C GLU A 6 29.18 -9.28 26.35
N GLN A 7 29.35 -9.85 25.19
CA GLN A 7 28.31 -10.75 24.63
C GLN A 7 26.96 -10.01 24.55
N PRO A 8 26.87 -9.12 23.61
CA PRO A 8 25.63 -8.34 23.44
C PRO A 8 24.52 -9.21 22.83
N PHE A 9 24.89 -10.33 22.27
CA PHE A 9 23.86 -11.23 21.66
C PHE A 9 23.34 -12.22 22.70
N TYR A 10 24.15 -12.56 23.68
CA TYR A 10 23.70 -13.51 24.72
C TYR A 10 22.58 -12.90 25.55
N LEU A 11 22.43 -11.60 25.50
CA LEU A 11 21.33 -10.94 26.27
C LEU A 11 19.98 -11.19 25.61
N MET A 12 19.90 -10.93 24.33
CA MET A 12 18.62 -11.13 23.61
C MET A 12 17.92 -12.41 24.09
N GLY A 13 18.65 -13.48 24.16
CA GLY A 13 18.07 -14.77 24.63
C GLY A 13 17.25 -15.40 23.49
N ARG A 14 15.97 -15.15 23.45
CA ARG A 14 15.13 -15.73 22.36
C ARG A 14 14.69 -14.65 21.38
N ASP A 15 15.50 -13.64 21.19
CA ASP A 15 15.11 -12.56 20.24
C ASP A 15 14.98 -13.12 18.83
N LYS A 16 15.41 -14.32 18.61
CA LYS A 16 15.32 -14.92 17.24
C LYS A 16 13.95 -14.61 16.64
N ALA A 17 12.90 -14.88 17.34
CA ALA A 17 11.54 -14.60 16.80
C ALA A 17 11.33 -13.08 16.69
N LEU A 18 12.00 -12.33 17.51
CA LEU A 18 11.84 -10.85 17.44
C LEU A 18 12.68 -10.28 16.30
N ALA A 19 13.75 -10.96 15.96
CA ALA A 19 14.61 -10.48 14.84
C ALA A 19 13.94 -10.77 13.50
N VAL A 20 13.08 -11.75 13.45
CA VAL A 20 12.39 -12.09 12.17
C VAL A 20 11.32 -11.04 11.87
N GLU A 21 10.80 -10.40 12.89
CA GLU A 21 9.74 -9.38 12.65
C GLU A 21 10.37 -8.10 12.10
N GLN A 22 11.62 -7.87 12.42
CA GLN A 22 12.30 -6.65 11.89
C GLN A 22 12.63 -6.82 10.42
N PHE A 23 13.12 -7.98 10.06
CA PHE A 23 13.46 -8.24 8.63
C PHE A 23 12.19 -8.14 7.77
N ILE A 24 11.05 -8.39 8.36
CA ILE A 24 9.78 -8.32 7.57
C ILE A 24 9.51 -6.88 7.16
N SER A 25 9.83 -5.93 8.00
CA SER A 25 9.59 -4.50 7.65
C SER A 25 10.51 -4.09 6.50
N ARG A 26 11.64 -4.73 6.36
CA ARG A 26 12.58 -4.37 5.27
C ARG A 26 12.30 -5.25 4.04
N PHE A 27 11.74 -6.41 4.24
CA PHE A 27 11.45 -7.31 3.09
C PHE A 27 10.26 -6.76 2.29
N ASN A 28 9.54 -5.83 2.85
CA ASN A 28 8.36 -5.26 2.12
C ASN A 28 8.81 -4.69 0.77
N SER A 29 8.93 -5.52 -0.22
CA SER A 29 9.36 -5.02 -1.56
C SER A 29 8.28 -5.34 -2.60
N GLY A 30 7.61 -6.46 -2.46
CA GLY A 30 6.55 -6.80 -3.44
C GLY A 30 5.32 -5.94 -3.19
N TYR A 31 5.11 -5.57 -1.96
CA TYR A 31 3.94 -4.70 -1.63
C TYR A 31 4.15 -3.32 -2.25
N ILE A 32 5.29 -3.08 -2.85
CA ILE A 32 5.54 -1.75 -3.48
C ILE A 32 4.81 -1.67 -4.83
N LYS A 33 4.52 -2.80 -5.42
CA LYS A 33 3.82 -2.78 -6.73
C LYS A 33 2.39 -2.29 -6.55
N ALA A 34 1.78 -2.59 -5.43
CA ALA A 34 0.38 -2.14 -5.19
C ALA A 34 0.31 -0.60 -5.20
N SER A 35 1.36 0.04 -4.76
CA SER A 35 1.36 1.53 -4.75
C SER A 35 1.23 2.06 -6.19
N GLN A 36 1.91 1.43 -7.11
CA GLN A 36 1.81 1.89 -8.53
C GLN A 36 0.39 1.66 -9.04
N GLU A 37 -0.13 0.50 -8.79
CA GLU A 37 -1.51 0.19 -9.25
C GLU A 37 -2.50 1.22 -8.69
N LEU A 38 -2.19 1.76 -7.54
CA LEU A 38 -3.11 2.77 -6.94
C LEU A 38 -3.04 4.08 -7.73
N VAL A 39 -1.89 4.38 -8.30
CA VAL A 39 -1.75 5.63 -9.08
C VAL A 39 -2.60 5.54 -10.36
N SER A 40 -2.80 4.35 -10.85
CA SER A 40 -3.62 4.19 -12.09
C SER A 40 -5.08 4.58 -11.81
N TYR A 41 -5.50 4.46 -10.59
CA TYR A 41 -6.90 4.82 -10.24
C TYR A 41 -7.12 6.33 -10.41
N THR A 42 -6.08 7.10 -10.24
CA THR A 42 -6.22 8.58 -10.40
C THR A 42 -5.68 9.03 -11.76
N ILE A 43 -4.52 8.55 -12.13
CA ILE A 43 -3.95 8.95 -13.45
C ILE A 43 -4.98 8.74 -14.56
N LYS A 44 -5.90 7.83 -14.35
CA LYS A 44 -6.94 7.58 -15.40
C LYS A 44 -8.25 8.24 -15.00
N LEU A 45 -8.21 9.20 -14.12
CA LEU A 45 -9.45 9.90 -13.69
C LEU A 45 -9.72 11.11 -14.58
N SER A 46 -9.36 11.03 -15.83
CA SER A 46 -9.60 12.17 -16.76
C SER A 46 -9.21 11.79 -18.18
N HIS A 47 -9.82 10.78 -18.72
CA HIS A 47 -9.50 10.34 -20.10
C HIS A 47 -10.78 10.20 -20.92
N ASP A 48 -11.83 10.81 -20.46
CA ASP A 48 -13.14 10.75 -21.17
C ASP A 48 -12.94 10.67 -22.68
N PRO A 49 -12.97 9.47 -23.16
CA PRO A 49 -12.79 9.21 -24.60
C PRO A 49 -14.05 9.61 -25.37
N ILE A 50 -15.19 9.41 -24.79
CA ILE A 50 -16.46 9.78 -25.48
C ILE A 50 -16.58 11.29 -25.57
N GLU A 51 -16.14 12.00 -24.57
CA GLU A 51 -16.23 13.48 -24.60
C GLU A 51 -15.12 14.05 -25.49
N TYR A 52 -14.04 13.33 -25.63
CA TYR A 52 -12.92 13.83 -26.48
C TYR A 52 -13.16 13.44 -27.95
N LEU A 53 -13.92 12.41 -28.19
CA LEU A 53 -14.19 12.00 -29.59
C LEU A 53 -15.39 12.76 -30.15
N LEU A 54 -16.32 13.11 -29.30
CA LEU A 54 -17.53 13.85 -29.78
C LEU A 54 -17.14 15.28 -30.16
N GLU A 55 -16.16 15.83 -29.51
CA GLU A 55 -15.74 17.22 -29.84
C GLU A 55 -14.88 17.23 -31.10
N GLN A 56 -14.15 16.17 -31.33
CA GLN A 56 -13.29 16.09 -32.55
C GLN A 56 -14.13 15.68 -33.76
N ILE A 57 -15.28 15.10 -33.53
CA ILE A 57 -16.14 14.68 -34.67
C ILE A 57 -17.11 15.82 -35.04
N GLN A 58 -17.46 16.63 -34.08
CA GLN A 58 -18.39 17.75 -34.37
C GLN A 58 -17.62 18.93 -34.98
N ASN A 59 -16.35 19.01 -34.72
CA ASN A 59 -15.53 20.13 -35.28
C ASN A 59 -15.00 19.74 -36.66
N LEU A 60 -14.79 18.48 -36.89
CA LEU A 60 -14.26 18.04 -38.22
C LEU A 60 -15.42 17.85 -39.21
N HIS A 61 -16.60 17.59 -38.72
CA HIS A 61 -17.76 17.40 -39.64
C HIS A 61 -17.99 18.66 -40.47
N ARG A 62 -17.66 19.80 -39.94
CA ARG A 62 -17.85 21.07 -40.71
C ARG A 62 -17.00 21.06 -41.97
N VAL A 63 -15.88 20.39 -41.94
CA VAL A 63 -15.00 20.35 -43.14
C VAL A 63 -15.38 19.16 -44.04
N THR A 64 -15.96 18.14 -43.46
CA THR A 64 -16.35 16.95 -44.28
C THR A 64 -17.69 17.21 -44.98
N LEU A 65 -18.41 18.19 -44.54
CA LEU A 65 -19.73 18.50 -45.19
C LEU A 65 -19.53 19.49 -46.33
N ALA A 66 -18.50 20.28 -46.27
CA ALA A 66 -18.25 21.27 -47.36
C ALA A 66 -16.78 21.24 -47.78
N GLU A 67 -16.19 20.09 -47.85
CA GLU A 67 -14.75 19.99 -48.25
C GLU A 67 -13.94 21.09 -47.55
N GLY A 68 -14.27 21.39 -46.33
CA GLY A 68 -13.51 22.46 -45.60
C GLY A 68 -14.27 23.79 -45.69
N ASP A 1 15.68 -20.45 42.40
CA ASP A 1 14.45 -20.17 41.60
C ASP A 1 14.40 -21.06 40.36
N GLN A 2 13.44 -20.85 39.51
CA GLN A 2 13.33 -21.69 38.28
C GLN A 2 14.27 -21.16 37.20
N ASN A 3 14.24 -21.75 36.04
CA ASN A 3 15.13 -21.28 34.93
C ASN A 3 14.56 -21.73 33.58
N HIS A 4 13.83 -20.87 32.94
CA HIS A 4 13.24 -21.23 31.63
C HIS A 4 12.69 -22.66 31.66
N ILE A 5 11.91 -22.98 32.64
CA ILE A 5 11.34 -24.36 32.73
C ILE A 5 9.89 -24.37 32.25
N GLU A 6 9.46 -23.29 31.69
CA GLU A 6 8.05 -23.21 31.19
C GLU A 6 7.90 -22.02 30.23
N GLN A 7 6.87 -22.03 29.43
CA GLN A 7 6.67 -20.90 28.48
C GLN A 7 8.00 -20.50 27.83
N PRO A 8 8.48 -21.38 26.98
CA PRO A 8 9.77 -21.13 26.29
C PRO A 8 9.59 -20.06 25.21
N PHE A 9 8.37 -19.67 24.93
CA PHE A 9 8.14 -18.63 23.89
C PHE A 9 7.80 -17.28 24.55
N TYR A 10 7.31 -17.31 25.76
CA TYR A 10 6.97 -16.03 26.44
C TYR A 10 8.24 -15.28 26.84
N LEU A 11 9.37 -15.95 26.78
CA LEU A 11 10.65 -15.27 27.16
C LEU A 11 11.35 -14.74 25.91
N MET A 12 11.53 -15.58 24.92
CA MET A 12 12.20 -15.13 23.68
C MET A 12 11.24 -14.33 22.81
N GLY A 13 9.97 -14.36 23.13
CA GLY A 13 8.98 -13.60 22.32
C GLY A 13 9.52 -12.19 22.03
N ARG A 14 10.14 -11.57 23.00
CA ARG A 14 10.69 -10.21 22.77
C ARG A 14 11.67 -10.22 21.60
N ASP A 15 12.27 -11.35 21.32
CA ASP A 15 13.23 -11.42 20.18
C ASP A 15 12.56 -12.04 18.96
N LYS A 16 11.56 -12.85 19.17
CA LYS A 16 10.86 -13.49 18.01
C LYS A 16 10.15 -12.42 17.17
N ALA A 17 9.43 -11.55 17.81
CA ALA A 17 8.72 -10.47 17.07
C ALA A 17 9.72 -9.51 16.43
N LEU A 18 10.90 -9.41 17.01
CA LEU A 18 11.93 -8.50 16.44
C LEU A 18 12.54 -9.11 15.18
N ALA A 19 12.60 -10.42 15.12
CA ALA A 19 13.19 -11.09 13.92
C ALA A 19 12.18 -11.06 12.77
N VAL A 20 10.94 -10.77 13.06
CA VAL A 20 9.92 -10.72 11.98
C VAL A 20 9.96 -9.35 11.30
N GLU A 21 10.33 -8.33 12.02
CA GLU A 21 10.40 -6.97 11.41
C GLU A 21 11.63 -6.86 10.52
N GLN A 22 12.59 -7.73 10.70
CA GLN A 22 13.81 -7.67 9.86
C GLN A 22 13.56 -8.37 8.52
N PHE A 23 12.88 -9.48 8.56
CA PHE A 23 12.59 -10.21 7.29
C PHE A 23 11.49 -9.48 6.50
N ILE A 24 10.72 -8.66 7.17
CA ILE A 24 9.66 -7.91 6.45
C ILE A 24 10.20 -6.61 5.87
N SER A 25 11.20 -6.04 6.50
CA SER A 25 11.78 -4.77 5.98
C SER A 25 12.49 -5.02 4.64
N ARG A 26 12.92 -6.23 4.42
CA ARG A 26 13.62 -6.54 3.14
C ARG A 26 12.62 -7.09 2.10
N PHE A 27 11.55 -7.69 2.57
CA PHE A 27 10.54 -8.24 1.63
C PHE A 27 9.57 -7.14 1.19
N ASN A 28 9.27 -6.22 2.06
CA ASN A 28 8.32 -5.12 1.70
C ASN A 28 8.59 -4.63 0.28
N SER A 29 9.83 -4.55 -0.11
CA SER A 29 10.16 -4.07 -1.50
C SER A 29 9.21 -4.70 -2.51
N GLY A 30 8.68 -5.85 -2.21
CA GLY A 30 7.73 -6.51 -3.16
C GLY A 30 6.39 -5.78 -3.14
N TYR A 31 6.01 -5.28 -2.01
CA TYR A 31 4.72 -4.55 -1.91
C TYR A 31 4.85 -3.18 -2.60
N ILE A 32 6.00 -2.89 -3.16
CA ILE A 32 6.18 -1.58 -3.84
C ILE A 32 5.74 -1.68 -5.30
N LYS A 33 5.70 -2.87 -5.84
CA LYS A 33 5.27 -3.03 -7.25
C LYS A 33 3.74 -2.94 -7.36
N ALA A 34 3.04 -3.29 -6.31
CA ALA A 34 1.55 -3.23 -6.35
C ALA A 34 1.06 -1.92 -5.70
N SER A 35 1.72 -1.48 -4.67
CA SER A 35 1.29 -0.22 -4.00
C SER A 35 1.39 0.95 -4.99
N GLN A 36 2.17 0.79 -6.02
CA GLN A 36 2.29 1.89 -7.03
C GLN A 36 1.17 1.77 -8.05
N GLU A 37 0.76 0.56 -8.32
CA GLU A 37 -0.34 0.35 -9.31
C GLU A 37 -1.68 0.75 -8.68
N LEU A 38 -1.79 0.66 -7.38
CA LEU A 38 -3.07 1.03 -6.72
C LEU A 38 -3.18 2.56 -6.60
N VAL A 39 -2.07 3.22 -6.41
CA VAL A 39 -2.11 4.71 -6.30
C VAL A 39 -2.28 5.32 -7.68
N SER A 40 -1.92 4.60 -8.71
CA SER A 40 -2.06 5.16 -10.09
C SER A 40 -3.51 5.01 -10.57
N TYR A 41 -4.22 4.07 -10.03
CA TYR A 41 -5.64 3.87 -10.45
C TYR A 41 -6.55 4.88 -9.75
N THR A 42 -6.15 5.36 -8.61
CA THR A 42 -7.00 6.34 -7.88
C THR A 42 -6.41 7.76 -8.03
N ILE A 43 -5.35 7.90 -8.77
CA ILE A 43 -4.74 9.25 -8.95
C ILE A 43 -5.60 10.10 -9.88
N LYS A 44 -6.05 9.53 -10.96
CA LYS A 44 -6.90 10.30 -11.91
C LYS A 44 -8.35 9.85 -11.82
N LEU A 45 -8.72 9.29 -10.70
CA LEU A 45 -10.13 8.81 -10.54
C LEU A 45 -10.80 9.54 -9.37
N SER A 46 -10.41 10.77 -9.12
CA SER A 46 -11.02 11.54 -8.01
C SER A 46 -10.25 12.84 -7.77
N HIS A 47 -10.93 13.94 -7.65
CA HIS A 47 -10.24 15.24 -7.41
C HIS A 47 -9.40 15.60 -8.63
N ASP A 48 -9.74 15.06 -9.76
CA ASP A 48 -8.98 15.35 -11.02
C ASP A 48 -8.47 16.79 -11.02
N PRO A 49 -7.25 16.91 -10.62
CA PRO A 49 -6.57 18.23 -10.55
C PRO A 49 -6.23 18.72 -11.97
N ILE A 50 -5.88 17.81 -12.84
CA ILE A 50 -5.53 18.21 -14.23
C ILE A 50 -6.78 18.74 -14.94
N GLU A 51 -7.91 18.15 -14.67
CA GLU A 51 -9.17 18.62 -15.33
C GLU A 51 -9.70 19.86 -14.60
N TYR A 52 -9.34 20.03 -13.36
CA TYR A 52 -9.82 21.21 -12.59
C TYR A 52 -8.85 22.38 -12.76
N LEU A 53 -7.62 22.10 -13.09
CA LEU A 53 -6.63 23.20 -13.27
C LEU A 53 -6.99 24.03 -14.50
N LEU A 54 -7.32 23.39 -15.59
CA LEU A 54 -7.68 24.13 -16.82
C LEU A 54 -8.85 25.08 -16.54
N GLU A 55 -9.76 24.67 -15.70
CA GLU A 55 -10.92 25.54 -15.37
C GLU A 55 -10.49 26.67 -14.43
N GLN A 56 -9.45 26.44 -13.67
CA GLN A 56 -8.98 27.49 -12.74
C GLN A 56 -8.13 28.52 -13.49
N ILE A 57 -7.61 28.16 -14.62
CA ILE A 57 -6.77 29.12 -15.41
C ILE A 57 -7.69 30.01 -16.26
N GLN A 58 -8.81 29.51 -16.67
CA GLN A 58 -9.75 30.33 -17.49
C GLN A 58 -10.52 31.31 -16.61
N ASN A 59 -10.68 30.98 -15.35
CA ASN A 59 -11.42 31.89 -14.43
C ASN A 59 -10.48 32.98 -13.91
N LEU A 60 -9.22 32.69 -13.79
CA LEU A 60 -8.26 33.71 -13.28
C LEU A 60 -8.10 34.84 -14.31
N HIS A 61 -8.19 34.51 -15.57
CA HIS A 61 -8.06 35.57 -16.62
C HIS A 61 -9.34 36.40 -16.70
N ARG A 62 -10.44 35.83 -16.32
CA ARG A 62 -11.72 36.59 -16.37
C ARG A 62 -11.86 37.48 -15.13
N VAL A 63 -11.16 37.17 -14.08
CA VAL A 63 -11.23 38.00 -12.85
C VAL A 63 -11.26 39.48 -13.21
N THR A 64 -10.42 39.88 -14.12
CA THR A 64 -10.37 41.32 -14.52
C THR A 64 -11.80 41.87 -14.65
N LEU A 65 -12.75 41.03 -14.94
CA LEU A 65 -14.16 41.51 -15.07
C LEU A 65 -14.64 42.13 -13.75
N ALA A 66 -14.11 41.66 -12.65
CA ALA A 66 -14.53 42.21 -11.34
C ALA A 66 -13.31 42.58 -10.50
N GLU A 67 -12.83 43.79 -10.63
CA GLU A 67 -11.64 44.22 -9.85
C GLU A 67 -11.47 45.74 -9.90
N GLY A 68 -12.00 46.45 -8.94
CA GLY A 68 -11.87 47.93 -8.95
C GLY A 68 -11.15 48.38 -7.68
N ASP A 1 37.20 -22.04 39.44
CA ASP A 1 36.53 -22.16 38.12
C ASP A 1 36.35 -20.77 37.50
N GLN A 2 35.50 -20.66 36.52
CA GLN A 2 35.30 -19.33 35.87
C GLN A 2 33.89 -18.81 36.16
N ASN A 3 33.71 -17.52 36.22
CA ASN A 3 32.36 -16.95 36.50
C ASN A 3 31.56 -16.82 35.20
N HIS A 4 32.05 -17.40 34.12
CA HIS A 4 31.31 -17.30 32.83
C HIS A 4 30.79 -15.88 32.62
N ILE A 5 31.68 -14.94 32.40
CA ILE A 5 31.24 -13.53 32.18
C ILE A 5 30.85 -13.31 30.72
N GLU A 6 30.76 -14.37 29.98
CA GLU A 6 30.39 -14.24 28.54
C GLU A 6 28.97 -14.75 28.32
N GLN A 7 28.26 -14.20 27.37
CA GLN A 7 26.87 -14.65 27.10
C GLN A 7 26.36 -14.05 25.79
N PRO A 8 26.85 -14.59 24.70
CA PRO A 8 26.44 -14.10 23.36
C PRO A 8 25.01 -14.53 23.05
N PHE A 9 24.50 -15.52 23.75
CA PHE A 9 23.11 -15.98 23.50
C PHE A 9 22.12 -15.12 24.28
N TYR A 10 22.53 -14.57 25.38
CA TYR A 10 21.61 -13.72 26.19
C TYR A 10 21.07 -12.57 25.32
N LEU A 11 21.85 -12.09 24.39
CA LEU A 11 21.38 -10.99 23.52
C LEU A 11 20.08 -11.39 22.82
N MET A 12 20.07 -12.53 22.19
CA MET A 12 18.85 -12.99 21.48
C MET A 12 17.66 -12.98 22.44
N GLY A 13 17.62 -13.90 23.37
CA GLY A 13 16.49 -13.95 24.34
C GLY A 13 15.17 -14.01 23.57
N ARG A 14 14.59 -12.87 23.28
CA ARG A 14 13.30 -12.87 22.54
C ARG A 14 13.53 -12.52 21.06
N ASP A 15 14.58 -13.01 20.48
CA ASP A 15 14.85 -12.70 19.06
C ASP A 15 13.58 -12.88 18.22
N LYS A 16 12.66 -13.68 18.69
CA LYS A 16 11.40 -13.90 17.93
C LYS A 16 10.85 -12.57 17.43
N ALA A 17 10.19 -11.83 18.28
CA ALA A 17 9.63 -10.52 17.86
C ALA A 17 10.63 -9.76 16.99
N LEU A 18 11.89 -10.02 17.16
CA LEU A 18 12.91 -9.31 16.33
C LEU A 18 12.92 -9.86 14.90
N ALA A 19 12.54 -11.10 14.75
CA ALA A 19 12.52 -11.70 13.39
C ALA A 19 11.36 -11.13 12.57
N VAL A 20 10.33 -10.68 13.22
CA VAL A 20 9.17 -10.09 12.48
C VAL A 20 9.54 -8.71 11.92
N GLU A 21 10.50 -8.07 12.52
CA GLU A 21 10.91 -6.72 12.02
C GLU A 21 11.83 -6.86 10.81
N GLN A 22 12.41 -8.02 10.63
CA GLN A 22 13.31 -8.24 9.47
C GLN A 22 12.49 -8.60 8.23
N PHE A 23 11.46 -9.39 8.42
CA PHE A 23 10.61 -9.79 7.28
C PHE A 23 9.73 -8.61 6.84
N ILE A 24 9.52 -7.66 7.72
CA ILE A 24 8.68 -6.48 7.37
C ILE A 24 9.52 -5.46 6.59
N SER A 25 10.79 -5.40 6.85
CA SER A 25 11.66 -4.42 6.12
C SER A 25 11.97 -4.93 4.72
N ARG A 26 11.92 -6.23 4.52
CA ARG A 26 12.22 -6.78 3.18
C ARG A 26 10.93 -6.90 2.36
N PHE A 27 9.80 -7.00 3.01
CA PHE A 27 8.52 -7.11 2.27
C PHE A 27 8.17 -5.77 1.60
N ASN A 28 8.65 -4.69 2.15
CA ASN A 28 8.36 -3.36 1.54
C ASN A 28 8.73 -3.35 0.06
N SER A 29 9.99 -3.27 -0.24
CA SER A 29 10.43 -3.26 -1.67
C SER A 29 9.63 -4.29 -2.47
N GLY A 30 9.21 -5.35 -1.83
CA GLY A 30 8.42 -6.39 -2.57
C GLY A 30 7.03 -5.86 -2.85
N TYR A 31 6.49 -5.09 -1.96
CA TYR A 31 5.14 -4.53 -2.17
C TYR A 31 5.22 -3.38 -3.18
N ILE A 32 6.38 -3.14 -3.75
CA ILE A 32 6.52 -2.04 -4.73
C ILE A 32 5.84 -2.43 -6.05
N LYS A 33 5.77 -3.69 -6.34
CA LYS A 33 5.11 -4.13 -7.61
C LYS A 33 3.62 -3.78 -7.58
N ALA A 34 3.06 -3.70 -6.40
CA ALA A 34 1.61 -3.36 -6.31
C ALA A 34 1.43 -1.93 -5.80
N SER A 35 2.37 -1.44 -5.02
CA SER A 35 2.26 -0.05 -4.50
C SER A 35 2.16 0.94 -5.66
N GLN A 36 2.90 0.71 -6.71
CA GLN A 36 2.84 1.63 -7.88
C GLN A 36 1.50 1.48 -8.58
N GLU A 37 1.07 0.26 -8.80
CA GLU A 37 -0.23 0.02 -9.47
C GLU A 37 -1.37 0.53 -8.59
N LEU A 38 -1.17 0.57 -7.30
CA LEU A 38 -2.24 1.06 -6.39
C LEU A 38 -2.32 2.58 -6.44
N VAL A 39 -1.21 3.23 -6.68
CA VAL A 39 -1.22 4.73 -6.74
C VAL A 39 -1.86 5.18 -8.06
N SER A 40 -1.79 4.37 -9.07
CA SER A 40 -2.39 4.76 -10.38
C SER A 40 -3.92 4.63 -10.32
N TYR A 41 -4.41 3.78 -9.44
CA TYR A 41 -5.89 3.60 -9.33
C TYR A 41 -6.51 4.79 -8.58
N THR A 42 -5.75 5.43 -7.73
CA THR A 42 -6.30 6.59 -6.98
C THR A 42 -6.01 7.89 -7.72
N ILE A 43 -5.18 7.84 -8.74
CA ILE A 43 -4.88 9.08 -9.50
C ILE A 43 -5.94 9.30 -10.58
N LYS A 44 -6.52 8.24 -11.05
CA LYS A 44 -7.57 8.37 -12.10
C LYS A 44 -8.89 7.77 -11.61
N LEU A 45 -9.13 7.79 -10.34
CA LEU A 45 -10.40 7.22 -9.79
C LEU A 45 -11.56 8.22 -9.92
N SER A 46 -11.49 9.12 -10.85
CA SER A 46 -12.60 10.11 -11.02
C SER A 46 -12.86 10.34 -12.51
N HIS A 47 -12.88 9.29 -13.29
CA HIS A 47 -13.14 9.44 -14.75
C HIS A 47 -14.04 8.31 -15.22
N ASP A 48 -14.77 7.72 -14.30
CA ASP A 48 -15.68 6.59 -14.65
C ASP A 48 -16.26 6.77 -16.05
N PRO A 49 -15.61 6.13 -16.97
CA PRO A 49 -16.02 6.17 -18.39
C PRO A 49 -17.24 5.29 -18.61
N ILE A 50 -17.31 4.19 -17.92
CA ILE A 50 -18.49 3.28 -18.09
C ILE A 50 -19.76 3.97 -17.59
N GLU A 51 -19.65 4.73 -16.53
CA GLU A 51 -20.85 5.44 -16.00
C GLU A 51 -21.10 6.70 -16.82
N TYR A 52 -20.08 7.22 -17.46
CA TYR A 52 -20.26 8.45 -18.28
C TYR A 52 -20.64 8.06 -19.72
N LEU A 53 -20.30 6.87 -20.14
CA LEU A 53 -20.65 6.45 -21.53
C LEU A 53 -22.17 6.30 -21.67
N LEU A 54 -22.78 5.65 -20.72
CA LEU A 54 -24.26 5.46 -20.79
C LEU A 54 -24.94 6.78 -21.13
N GLU A 55 -24.60 7.82 -20.43
CA GLU A 55 -25.22 9.15 -20.71
C GLU A 55 -24.69 9.70 -22.04
N GLN A 56 -23.48 9.35 -22.38
CA GLN A 56 -22.90 9.85 -23.67
C GLN A 56 -23.38 8.96 -24.82
N ILE A 57 -23.89 7.79 -24.51
CA ILE A 57 -24.38 6.89 -25.58
C ILE A 57 -25.84 7.22 -25.90
N GLN A 58 -26.55 7.78 -24.97
CA GLN A 58 -27.98 8.13 -25.21
C GLN A 58 -28.07 9.48 -25.92
N ASN A 59 -27.07 10.30 -25.80
CA ASN A 59 -27.09 11.62 -26.47
C ASN A 59 -26.43 11.54 -27.85
N LEU A 60 -25.48 10.67 -28.01
CA LEU A 60 -24.79 10.54 -29.32
C LEU A 60 -25.58 9.60 -30.24
N HIS A 61 -26.31 8.67 -29.68
CA HIS A 61 -27.09 7.73 -30.51
C HIS A 61 -27.80 8.48 -31.63
N ARG A 62 -28.22 9.69 -31.36
CA ARG A 62 -28.93 10.48 -32.42
C ARG A 62 -27.93 11.31 -33.22
N VAL A 63 -26.80 11.62 -32.64
CA VAL A 63 -25.77 12.41 -33.38
C VAL A 63 -24.68 11.50 -33.94
N THR A 64 -24.81 10.22 -33.74
CA THR A 64 -23.79 9.27 -34.27
C THR A 64 -23.56 9.52 -35.77
N LEU A 65 -24.55 10.03 -36.45
CA LEU A 65 -24.39 10.29 -37.91
C LEU A 65 -23.85 11.71 -38.14
N ALA A 66 -24.08 12.60 -37.21
CA ALA A 66 -23.58 14.00 -37.37
C ALA A 66 -22.24 14.16 -36.66
N GLU A 67 -21.16 13.85 -37.31
CA GLU A 67 -19.82 14.00 -36.67
C GLU A 67 -19.81 13.27 -35.31
N GLY A 68 -19.45 12.02 -35.30
CA GLY A 68 -19.42 11.26 -34.01
C GLY A 68 -18.21 11.70 -33.20
N ASP A 1 25.67 -26.36 16.23
CA ASP A 1 25.71 -25.86 14.82
C ASP A 1 25.05 -26.87 13.88
N GLN A 2 24.39 -27.86 14.42
CA GLN A 2 23.73 -28.87 13.56
C GLN A 2 22.39 -29.31 14.17
N ASN A 3 21.63 -30.10 13.47
CA ASN A 3 20.31 -30.55 14.02
C ASN A 3 19.35 -29.36 14.14
N HIS A 4 19.66 -28.27 13.49
CA HIS A 4 18.77 -27.08 13.56
C HIS A 4 18.68 -26.58 15.01
N ILE A 5 19.77 -26.55 15.70
CA ILE A 5 19.76 -26.07 17.12
C ILE A 5 18.76 -26.87 17.94
N GLU A 6 18.32 -27.98 17.43
CA GLU A 6 17.36 -28.84 18.16
C GLU A 6 16.14 -28.01 18.59
N GLN A 7 15.11 -28.66 19.06
CA GLN A 7 13.90 -27.91 19.50
C GLN A 7 13.50 -26.88 18.44
N PRO A 8 12.70 -27.32 17.51
CA PRO A 8 12.23 -26.44 16.42
C PRO A 8 11.20 -25.43 16.95
N PHE A 9 10.65 -25.70 18.10
CA PHE A 9 9.63 -24.76 18.67
C PHE A 9 10.31 -23.74 19.58
N TYR A 10 11.45 -24.07 20.12
CA TYR A 10 12.17 -23.11 21.02
C TYR A 10 12.54 -21.84 20.23
N LEU A 11 12.68 -21.95 18.94
CA LEU A 11 13.05 -20.75 18.13
C LEU A 11 11.87 -19.79 18.05
N MET A 12 10.73 -20.28 17.66
CA MET A 12 9.53 -19.40 17.56
C MET A 12 9.26 -18.71 18.89
N GLY A 13 9.84 -19.21 19.95
CA GLY A 13 9.61 -18.57 21.28
C GLY A 13 9.82 -17.07 21.18
N ARG A 14 10.92 -16.65 20.60
CA ARG A 14 11.19 -15.19 20.47
C ARG A 14 11.02 -14.75 19.02
N ASP A 15 10.10 -15.35 18.31
CA ASP A 15 9.89 -14.95 16.88
C ASP A 15 9.30 -13.55 16.80
N LYS A 16 8.74 -13.07 17.88
CA LYS A 16 8.14 -11.70 17.85
C LYS A 16 9.14 -10.70 17.26
N ALA A 17 10.00 -10.15 18.09
CA ALA A 17 11.00 -9.16 17.58
C ALA A 17 11.62 -9.67 16.27
N LEU A 18 11.64 -10.96 16.07
CA LEU A 18 12.22 -11.51 14.82
C LEU A 18 11.28 -11.26 13.65
N ALA A 19 10.01 -11.15 13.91
CA ALA A 19 9.03 -10.89 12.81
C ALA A 19 9.19 -9.46 12.28
N VAL A 20 9.67 -8.57 13.10
CA VAL A 20 9.84 -7.16 12.64
C VAL A 20 11.01 -7.06 11.66
N GLU A 21 11.95 -7.97 11.74
CA GLU A 21 13.11 -7.92 10.80
C GLU A 21 12.70 -8.50 9.45
N GLN A 22 11.65 -9.27 9.41
CA GLN A 22 11.20 -9.86 8.12
C GLN A 22 10.39 -8.81 7.35
N PHE A 23 9.57 -8.07 8.04
CA PHE A 23 8.76 -7.02 7.37
C PHE A 23 9.67 -5.94 6.80
N ILE A 24 10.81 -5.72 7.40
CA ILE A 24 11.75 -4.68 6.89
C ILE A 24 12.35 -5.12 5.55
N SER A 25 12.69 -6.38 5.43
CA SER A 25 13.27 -6.88 4.15
C SER A 25 12.19 -6.93 3.07
N ARG A 26 10.95 -6.97 3.47
CA ARG A 26 9.84 -7.04 2.46
C ARG A 26 9.23 -5.65 2.27
N PHE A 27 9.65 -4.68 3.03
CA PHE A 27 9.10 -3.31 2.89
C PHE A 27 9.91 -2.51 1.87
N ASN A 28 11.16 -2.84 1.71
CA ASN A 28 12.00 -2.10 0.73
C ASN A 28 11.67 -2.55 -0.69
N SER A 29 12.33 -3.55 -1.18
CA SER A 29 12.06 -4.03 -2.58
C SER A 29 10.61 -4.53 -2.68
N GLY A 30 10.01 -4.90 -1.58
CA GLY A 30 8.61 -5.38 -1.61
C GLY A 30 7.69 -4.24 -1.98
N TYR A 31 8.04 -3.05 -1.60
CA TYR A 31 7.18 -1.88 -1.93
C TYR A 31 7.16 -1.66 -3.44
N ILE A 32 7.95 -2.41 -4.18
CA ILE A 32 7.97 -2.25 -5.65
C ILE A 32 6.89 -3.11 -6.30
N LYS A 33 6.47 -4.15 -5.63
CA LYS A 33 5.43 -5.04 -6.21
C LYS A 33 4.03 -4.45 -5.95
N ALA A 34 3.87 -3.76 -4.86
CA ALA A 34 2.55 -3.15 -4.56
C ALA A 34 2.48 -1.73 -5.10
N SER A 35 3.60 -1.08 -5.27
CA SER A 35 3.60 0.31 -5.80
C SER A 35 2.63 0.41 -6.98
N GLN A 36 2.40 -0.68 -7.67
CA GLN A 36 1.46 -0.64 -8.83
C GLN A 36 0.02 -0.70 -8.31
N GLU A 37 -0.21 -1.49 -7.29
CA GLU A 37 -1.58 -1.60 -6.73
C GLU A 37 -1.93 -0.34 -5.95
N LEU A 38 -0.94 0.32 -5.40
CA LEU A 38 -1.21 1.56 -4.63
C LEU A 38 -1.43 2.74 -5.59
N VAL A 39 -0.85 2.68 -6.75
CA VAL A 39 -1.03 3.78 -7.74
C VAL A 39 -2.39 3.65 -8.43
N SER A 40 -2.93 2.46 -8.48
CA SER A 40 -4.25 2.27 -9.14
C SER A 40 -5.38 2.67 -8.19
N TYR A 41 -5.15 2.59 -6.91
CA TYR A 41 -6.21 2.97 -5.93
C TYR A 41 -6.20 4.49 -5.73
N THR A 42 -5.12 5.14 -6.06
CA THR A 42 -5.05 6.62 -5.89
C THR A 42 -5.20 7.33 -7.24
N ILE A 43 -5.39 6.59 -8.29
CA ILE A 43 -5.55 7.23 -9.64
C ILE A 43 -6.99 7.62 -9.87
N LYS A 44 -7.90 6.76 -9.53
CA LYS A 44 -9.36 7.06 -9.73
C LYS A 44 -10.04 7.20 -8.37
N LEU A 45 -9.33 7.57 -7.36
CA LEU A 45 -9.92 7.72 -6.01
C LEU A 45 -11.07 8.76 -6.04
N SER A 46 -12.21 8.37 -6.54
CA SER A 46 -13.35 9.33 -6.61
C SER A 46 -12.87 10.70 -7.07
N HIS A 47 -11.98 10.73 -8.02
CA HIS A 47 -11.47 12.03 -8.53
C HIS A 47 -11.91 12.25 -9.97
N ASP A 48 -12.90 11.50 -10.39
CA ASP A 48 -13.42 11.62 -11.79
C ASP A 48 -13.40 13.07 -12.23
N PRO A 49 -12.35 13.39 -12.96
CA PRO A 49 -12.16 14.76 -13.48
C PRO A 49 -13.13 15.03 -14.64
N ILE A 50 -13.41 14.02 -15.42
CA ILE A 50 -14.35 14.22 -16.57
C ILE A 50 -15.78 14.36 -16.05
N GLU A 51 -16.14 13.58 -15.07
CA GLU A 51 -17.52 13.68 -14.52
C GLU A 51 -17.65 14.92 -13.65
N TYR A 52 -16.55 15.47 -13.20
CA TYR A 52 -16.62 16.69 -12.36
C TYR A 52 -16.69 17.94 -13.24
N LEU A 53 -16.16 17.86 -14.43
CA LEU A 53 -16.21 19.04 -15.34
C LEU A 53 -17.63 19.24 -15.87
N LEU A 54 -18.27 18.17 -16.25
CA LEU A 54 -19.66 18.29 -16.77
C LEU A 54 -20.62 18.64 -15.62
N GLU A 55 -20.27 18.26 -14.43
CA GLU A 55 -21.15 18.57 -13.27
C GLU A 55 -21.04 20.07 -12.93
N GLN A 56 -19.93 20.67 -13.24
CA GLN A 56 -19.77 22.12 -12.94
C GLN A 56 -20.66 22.95 -13.87
N ILE A 57 -20.98 22.43 -15.02
CA ILE A 57 -21.86 23.19 -15.96
C ILE A 57 -23.32 22.80 -15.73
N GLN A 58 -23.56 21.59 -15.30
CA GLN A 58 -24.96 21.15 -15.05
C GLN A 58 -25.46 21.71 -13.72
N ASN A 59 -24.56 21.98 -12.81
CA ASN A 59 -24.96 22.54 -11.49
C ASN A 59 -25.16 24.05 -11.59
N LEU A 60 -24.36 24.71 -12.38
CA LEU A 60 -24.48 26.18 -12.53
C LEU A 60 -25.84 26.53 -13.15
N HIS A 61 -26.39 25.66 -13.94
CA HIS A 61 -27.70 25.94 -14.58
C HIS A 61 -28.83 25.70 -13.57
N ARG A 62 -28.60 24.86 -12.60
CA ARG A 62 -29.66 24.58 -11.58
C ARG A 62 -29.66 25.68 -10.52
N VAL A 63 -28.55 26.33 -10.32
CA VAL A 63 -28.50 27.42 -9.29
C VAL A 63 -29.12 28.71 -9.85
N THR A 64 -29.24 28.81 -11.15
CA THR A 64 -29.84 30.03 -11.75
C THR A 64 -31.36 30.01 -11.61
N LEU A 65 -31.91 28.87 -11.29
CA LEU A 65 -33.39 28.77 -11.14
C LEU A 65 -33.81 29.24 -9.73
N ALA A 66 -32.92 29.14 -8.79
CA ALA A 66 -33.27 29.57 -7.40
C ALA A 66 -34.66 29.07 -7.02
N GLU A 67 -34.89 27.79 -7.17
CA GLU A 67 -36.23 27.22 -6.81
C GLU A 67 -37.34 28.03 -7.50
N GLY A 68 -37.33 28.06 -8.81
CA GLY A 68 -38.39 28.82 -9.54
C GLY A 68 -37.79 30.09 -10.13
N ASP A 1 21.55 -6.42 40.65
CA ASP A 1 22.94 -6.29 41.17
C ASP A 1 23.41 -7.62 41.76
N GLN A 2 22.51 -8.35 42.40
CA GLN A 2 22.90 -9.67 43.01
C GLN A 2 23.99 -10.36 42.18
N ASN A 3 23.94 -10.19 40.89
CA ASN A 3 24.97 -10.83 40.02
C ASN A 3 24.66 -10.58 38.55
N HIS A 4 23.50 -10.98 38.12
CA HIS A 4 23.11 -10.76 36.69
C HIS A 4 22.99 -9.27 36.39
N ILE A 5 23.82 -8.75 35.52
CA ILE A 5 23.74 -7.30 35.19
C ILE A 5 23.18 -7.10 33.78
N GLU A 6 22.69 -8.15 33.21
CA GLU A 6 22.11 -8.04 31.82
C GLU A 6 20.74 -8.72 31.77
N GLN A 7 19.98 -8.48 30.74
CA GLN A 7 18.64 -9.10 30.63
C GLN A 7 18.41 -9.61 29.20
N PRO A 8 19.09 -10.68 28.87
CA PRO A 8 18.96 -11.28 27.52
C PRO A 8 17.62 -11.99 27.38
N PHE A 9 16.96 -12.25 28.47
CA PHE A 9 15.65 -12.95 28.40
C PHE A 9 14.51 -11.93 28.19
N TYR A 10 14.73 -10.71 28.59
CA TYR A 10 13.67 -9.67 28.40
C TYR A 10 13.54 -9.30 26.93
N LEU A 11 14.49 -9.69 26.12
CA LEU A 11 14.42 -9.37 24.66
C LEU A 11 13.80 -10.53 23.89
N MET A 12 14.31 -11.72 24.08
CA MET A 12 13.76 -12.89 23.35
C MET A 12 12.28 -13.08 23.71
N GLY A 13 11.81 -12.43 24.74
CA GLY A 13 10.38 -12.57 25.13
C GLY A 13 9.54 -11.54 24.38
N ARG A 14 10.08 -10.96 23.35
CA ARG A 14 9.31 -9.95 22.57
C ARG A 14 9.94 -9.74 21.19
N ASP A 15 10.48 -10.78 20.61
CA ASP A 15 11.10 -10.65 19.27
C ASP A 15 10.15 -11.16 18.18
N LYS A 16 9.14 -11.89 18.56
CA LYS A 16 8.19 -12.42 17.56
C LYS A 16 7.71 -11.29 16.64
N ALA A 17 6.66 -10.61 17.03
CA ALA A 17 6.15 -9.50 16.19
C ALA A 17 7.30 -8.64 15.66
N LEU A 18 8.40 -8.62 16.37
CA LEU A 18 9.56 -7.81 15.91
C LEU A 18 10.25 -8.50 14.73
N ALA A 19 10.16 -9.79 14.67
CA ALA A 19 10.81 -10.53 13.54
C ALA A 19 10.04 -10.30 12.24
N VAL A 20 8.78 -9.97 12.34
CA VAL A 20 7.98 -9.72 11.10
C VAL A 20 8.36 -8.37 10.48
N GLU A 21 8.88 -7.48 11.28
CA GLU A 21 9.28 -6.14 10.73
C GLU A 21 10.68 -6.21 10.15
N GLN A 22 11.38 -7.29 10.40
CA GLN A 22 12.76 -7.44 9.85
C GLN A 22 12.69 -8.14 8.49
N PHE A 23 11.74 -9.01 8.33
CA PHE A 23 11.61 -9.74 7.04
C PHE A 23 10.98 -8.82 5.98
N ILE A 24 10.23 -7.84 6.41
CA ILE A 24 9.59 -6.91 5.43
C ILE A 24 10.59 -5.85 4.99
N SER A 25 11.59 -5.59 5.79
CA SER A 25 12.60 -4.56 5.41
C SER A 25 13.47 -5.07 4.25
N ARG A 26 13.65 -6.36 4.16
CA ARG A 26 14.48 -6.92 3.07
C ARG A 26 13.58 -7.33 1.89
N PHE A 27 12.35 -7.66 2.16
CA PHE A 27 11.42 -8.05 1.06
C PHE A 27 10.90 -6.81 0.34
N ASN A 28 11.20 -5.65 0.85
CA ASN A 28 10.72 -4.39 0.19
C ASN A 28 10.78 -4.52 -1.34
N SER A 29 11.77 -5.17 -1.85
CA SER A 29 11.88 -5.32 -3.33
C SER A 29 10.52 -5.67 -3.92
N GLY A 30 9.70 -6.39 -3.19
CA GLY A 30 8.35 -6.76 -3.71
C GLY A 30 7.47 -5.52 -3.74
N TYR A 31 7.70 -4.61 -2.85
CA TYR A 31 6.90 -3.36 -2.82
C TYR A 31 7.19 -2.53 -4.07
N ILE A 32 8.13 -2.95 -4.87
CA ILE A 32 8.46 -2.18 -6.11
C ILE A 32 7.50 -2.55 -7.24
N LYS A 33 7.02 -3.77 -7.24
CA LYS A 33 6.07 -4.20 -8.31
C LYS A 33 4.66 -3.72 -7.96
N ALA A 34 4.45 -3.26 -6.76
CA ALA A 34 3.11 -2.78 -6.36
C ALA A 34 3.02 -1.26 -6.52
N SER A 35 4.14 -0.60 -6.66
CA SER A 35 4.12 0.88 -6.82
C SER A 35 2.99 1.28 -7.77
N GLN A 36 2.85 0.59 -8.87
CA GLN A 36 1.76 0.94 -9.83
C GLN A 36 0.41 0.63 -9.19
N GLU A 37 0.28 -0.53 -8.62
CA GLU A 37 -1.01 -0.90 -7.95
C GLU A 37 -1.26 0.03 -6.77
N LEU A 38 -0.23 0.60 -6.22
CA LEU A 38 -0.42 1.53 -5.06
C LEU A 38 -1.06 2.83 -5.53
N VAL A 39 -0.80 3.21 -6.77
CA VAL A 39 -1.40 4.47 -7.29
C VAL A 39 -2.91 4.32 -7.44
N SER A 40 -3.38 3.11 -7.60
CA SER A 40 -4.85 2.89 -7.74
C SER A 40 -5.54 2.97 -6.37
N TYR A 41 -4.81 2.66 -5.33
CA TYR A 41 -5.43 2.71 -3.96
C TYR A 41 -5.48 4.16 -3.47
N THR A 42 -4.61 5.00 -3.98
CA THR A 42 -4.60 6.42 -3.53
C THR A 42 -5.53 7.26 -4.43
N ILE A 43 -6.02 6.68 -5.48
CA ILE A 43 -6.93 7.44 -6.38
C ILE A 43 -7.96 8.22 -5.56
N LYS A 44 -8.52 7.59 -4.57
CA LYS A 44 -9.53 8.28 -3.71
C LYS A 44 -8.84 8.99 -2.55
N LEU A 45 -7.58 9.27 -2.69
CA LEU A 45 -6.83 9.96 -1.60
C LEU A 45 -5.72 10.84 -2.20
N SER A 46 -5.89 12.13 -2.14
CA SER A 46 -4.86 13.04 -2.69
C SER A 46 -5.20 14.48 -2.30
N HIS A 47 -4.25 15.18 -1.76
CA HIS A 47 -4.50 16.60 -1.38
C HIS A 47 -4.24 17.51 -2.57
N ASP A 48 -4.19 16.93 -3.73
CA ASP A 48 -3.94 17.73 -4.96
C ASP A 48 -5.08 17.55 -5.97
N PRO A 49 -6.27 17.66 -5.47
CA PRO A 49 -7.49 17.50 -6.33
C PRO A 49 -7.63 18.72 -7.25
N ILE A 50 -7.28 19.88 -6.77
CA ILE A 50 -7.40 21.10 -7.62
C ILE A 50 -6.46 21.00 -8.83
N GLU A 51 -5.39 20.26 -8.68
CA GLU A 51 -4.43 20.13 -9.81
C GLU A 51 -4.89 19.00 -10.75
N TYR A 52 -5.63 18.06 -10.24
CA TYR A 52 -6.12 16.93 -11.08
C TYR A 52 -7.50 17.26 -11.66
N LEU A 53 -8.19 18.22 -11.09
CA LEU A 53 -9.54 18.57 -11.61
C LEU A 53 -9.40 19.49 -12.83
N LEU A 54 -8.41 20.33 -12.84
CA LEU A 54 -8.21 21.25 -14.00
C LEU A 54 -7.80 20.45 -15.24
N GLU A 55 -7.06 19.39 -15.05
CA GLU A 55 -6.62 18.57 -16.21
C GLU A 55 -7.78 17.71 -16.71
N GLN A 56 -8.71 17.39 -15.85
CA GLN A 56 -9.87 16.56 -16.28
C GLN A 56 -10.92 17.44 -16.96
N ILE A 57 -10.86 18.72 -16.76
CA ILE A 57 -11.85 19.62 -17.40
C ILE A 57 -11.36 20.04 -18.79
N GLN A 58 -10.07 20.11 -18.98
CA GLN A 58 -9.53 20.50 -20.31
C GLN A 58 -9.54 19.30 -21.26
N ASN A 59 -9.50 18.12 -20.72
CA ASN A 59 -9.52 16.91 -21.59
C ASN A 59 -10.96 16.52 -21.94
N LEU A 60 -11.89 16.85 -21.07
CA LEU A 60 -13.31 16.51 -21.36
C LEU A 60 -13.87 17.41 -22.46
N HIS A 61 -13.33 18.60 -22.59
CA HIS A 61 -13.83 19.52 -23.65
C HIS A 61 -13.45 19.00 -25.03
N ARG A 62 -12.36 18.28 -25.13
CA ARG A 62 -11.93 17.74 -26.45
C ARG A 62 -12.66 16.41 -26.73
N VAL A 63 -13.06 15.71 -25.70
CA VAL A 63 -13.76 14.42 -25.91
C VAL A 63 -15.10 14.65 -26.60
N THR A 64 -15.66 15.82 -26.46
CA THR A 64 -16.97 16.10 -27.11
C THR A 64 -16.81 16.11 -28.64
N LEU A 65 -15.65 16.47 -29.11
CA LEU A 65 -15.43 16.50 -30.59
C LEU A 65 -14.91 15.15 -31.07
N ALA A 66 -14.26 14.41 -30.21
CA ALA A 66 -13.74 13.08 -30.63
C ALA A 66 -12.86 12.49 -29.52
N GLU A 67 -13.11 11.26 -29.14
CA GLU A 67 -12.29 10.63 -28.06
C GLU A 67 -11.29 9.64 -28.66
N GLY A 68 -10.73 9.95 -29.81
CA GLY A 68 -9.76 9.03 -30.45
C GLY A 68 -10.28 7.60 -30.36
#